data_2IO8
#
_entry.id   2IO8
#
_cell.length_a   60.20
_cell.length_b   75.61
_cell.length_c   84.44
_cell.angle_alpha   70.17
_cell.angle_beta   73.92
_cell.angle_gamma   77.77
#
_symmetry.space_group_name_H-M   'P 1'
#
loop_
_entity.id
_entity.type
_entity.pdbx_description
1 polymer 'Bifunctional glutathionylspermidine synthetase/amidase'
2 non-polymer 'MAGNESIUM ION'
3 non-polymer CYSTEINE
4 non-polymer "ADENOSINE-5'-DIPHOSPHATE"
5 water water
#
_entity_poly.entity_id   1
_entity_poly.type   'polypeptide(L)'
_entity_poly.pdbx_seq_one_letter_code
;MSKGTTSQDAPFGTLLGYAPGGVAIYSSDYSSLDPQEYEDDAVFRSYIDDEYMGHKWQCVEFARRFLFLNYGVVFTDVGM
AWEIFSLRFLREVVNDNILPLQAFPNGSPRAPVAGALLIWDKGGEFKDTGHVAIITQLHGNKVRIAEQNVIHSPLPQGQQ
WTRELEMVVENGCYTLKDTFDDTTILGWMIQTEDTEYSLPQPEIAGELLKISGARLENKGQFDGKWLDEKDPLQNAYVQA
NGQVINQDPYHYYTITESAEQELIKATNELHLMYLHATDKVLKDDNLLALFDIPKILWPRLRLSWQRRRHHMITGRMDFC
MDERGLKVYEYNADSASCHTEAGLILERWAEQGYKGNGFNPAEGLINELAGAWKHSRARPFVHIMQDKDIEENYHAQFME
QALHQAGFETRILRGLDELGWDAAGQLIDGEGRLVNCVWKTWAWETAFDQIREVSDREFAAVPIRTGHPQNEVRLIDVLL
RPEVLVFEPLWTVIPGNKAILPILWSLFPHHRYLLDTDFTVNDELVKTGYAVKPIAGRCGSNIDLVSHHEEVLDKTSGKF
AEQKNIYQQLWCLPKVDGKYIQVCTFTVGGNYGGTCLRGDESLVIKKESDIEPLIVVKK
;
_entity_poly.pdbx_strand_id   A,B
#
loop_
_chem_comp.id
_chem_comp.type
_chem_comp.name
_chem_comp.formula
ADP non-polymer ADENOSINE-5'-DIPHOSPHATE 'C10 H15 N5 O10 P2'
MG non-polymer 'MAGNESIUM ION' 'Mg 2'
#
# COMPACT_ATOMS: atom_id res chain seq x y z
N ALA A 10 18.79 -8.82 -32.00
CA ALA A 10 18.34 -10.14 -31.50
C ALA A 10 16.80 -10.21 -31.47
N PRO A 11 16.24 -11.40 -31.25
CA PRO A 11 14.79 -11.56 -31.21
C PRO A 11 14.10 -10.52 -30.30
N PHE A 12 12.80 -10.34 -30.48
CA PHE A 12 12.05 -9.39 -29.66
C PHE A 12 12.03 -9.90 -28.21
N GLY A 13 12.37 -9.03 -27.27
CA GLY A 13 12.33 -9.44 -25.88
C GLY A 13 13.58 -10.08 -25.29
N THR A 14 14.64 -10.21 -26.07
CA THR A 14 15.85 -10.80 -25.52
C THR A 14 16.58 -9.71 -24.74
N LEU A 15 17.16 -10.12 -23.62
CA LEU A 15 17.90 -9.21 -22.74
C LEU A 15 19.22 -8.89 -23.41
N LEU A 16 19.53 -7.60 -23.52
CA LEU A 16 20.75 -7.12 -24.15
C LEU A 16 21.76 -6.62 -23.10
N GLY A 17 21.29 -6.46 -21.88
CA GLY A 17 22.15 -5.98 -20.83
C GLY A 17 21.37 -5.14 -19.84
N TYR A 18 22.11 -4.36 -19.04
CA TYR A 18 21.49 -3.56 -18.00
C TYR A 18 22.01 -2.14 -17.90
N ALA A 19 21.12 -1.25 -17.50
CA ALA A 19 21.51 0.13 -17.29
C ALA A 19 21.87 0.16 -15.81
N PRO A 20 22.47 1.27 -15.33
CA PRO A 20 22.87 1.43 -13.94
C PRO A 20 21.78 1.05 -12.96
N GLY A 21 22.20 0.42 -11.84
CA GLY A 21 21.25 -0.03 -10.85
C GLY A 21 20.59 -1.36 -11.19
N GLY A 22 20.96 -1.95 -12.33
CA GLY A 22 20.37 -3.22 -12.71
C GLY A 22 19.06 -3.15 -13.46
N VAL A 23 18.85 -2.13 -14.28
CA VAL A 23 17.61 -2.02 -15.03
C VAL A 23 17.82 -2.60 -16.43
N ALA A 24 17.20 -3.76 -16.67
CA ALA A 24 17.32 -4.47 -17.93
C ALA A 24 16.90 -3.64 -19.14
N ILE A 25 17.58 -3.90 -20.25
CA ILE A 25 17.35 -3.28 -21.55
C ILE A 25 17.10 -4.43 -22.51
N TYR A 26 15.88 -4.51 -23.04
CA TYR A 26 15.52 -5.59 -23.95
C TYR A 26 15.40 -5.16 -25.41
N SER A 27 15.52 -6.14 -26.30
CA SER A 27 15.40 -5.91 -27.73
C SER A 27 13.94 -5.67 -28.05
N SER A 28 13.69 -4.69 -28.88
CA SER A 28 12.32 -4.40 -29.26
C SER A 28 12.07 -4.65 -30.74
N ASP A 29 12.68 -5.70 -31.29
CA ASP A 29 12.47 -6.00 -32.69
C ASP A 29 11.21 -6.84 -32.93
N TYR A 30 10.12 -6.17 -33.29
CA TYR A 30 8.83 -6.83 -33.53
C TYR A 30 8.78 -7.90 -34.62
N SER A 31 9.76 -7.91 -35.51
CA SER A 31 9.79 -8.96 -36.53
C SER A 31 10.19 -10.29 -35.85
N ASP A 40 -4.67 -10.31 -28.02
CA ASP A 40 -4.67 -9.11 -27.13
C ASP A 40 -3.24 -8.63 -26.84
N ASP A 41 -2.96 -7.39 -27.22
CA ASP A 41 -1.64 -6.81 -27.00
C ASP A 41 -1.40 -6.64 -25.50
N ALA A 42 -2.19 -7.37 -24.70
CA ALA A 42 -2.11 -7.31 -23.25
C ALA A 42 -0.77 -7.88 -22.77
N VAL A 43 -0.23 -8.83 -23.53
CA VAL A 43 1.05 -9.42 -23.18
C VAL A 43 2.12 -8.37 -23.45
N PHE A 44 1.74 -7.32 -24.19
CA PHE A 44 2.65 -6.23 -24.51
C PHE A 44 2.76 -5.18 -23.42
N ARG A 45 1.78 -5.13 -22.53
CA ARG A 45 1.84 -4.18 -21.42
C ARG A 45 2.94 -4.66 -20.48
N SER A 46 3.72 -3.73 -19.96
CA SER A 46 4.76 -4.10 -19.03
C SER A 46 4.48 -3.41 -17.71
N TYR A 47 4.37 -4.20 -16.65
CA TYR A 47 4.11 -3.67 -15.32
C TYR A 47 5.24 -4.14 -14.39
N ILE A 48 5.20 -3.62 -13.18
CA ILE A 48 6.11 -3.99 -12.11
C ILE A 48 5.10 -3.85 -11.01
N ASP A 49 4.63 -4.99 -10.51
CA ASP A 49 3.61 -4.98 -9.48
C ASP A 49 2.37 -4.39 -10.17
N ASP A 50 1.76 -3.41 -9.52
CA ASP A 50 0.57 -2.76 -10.06
C ASP A 50 0.93 -1.55 -10.90
N GLU A 51 2.21 -1.25 -11.08
CA GLU A 51 2.57 -0.08 -11.88
C GLU A 51 2.84 -0.34 -13.34
N TYR A 52 2.11 0.39 -14.18
CA TYR A 52 2.23 0.32 -15.63
C TYR A 52 3.50 1.09 -15.97
N MET A 53 4.40 0.45 -16.71
CA MET A 53 5.67 1.05 -17.11
C MET A 53 5.64 1.52 -18.58
N GLY A 54 4.99 0.72 -19.42
CA GLY A 54 4.87 1.06 -20.82
C GLY A 54 4.61 -0.15 -21.69
N HIS A 55 4.83 0.05 -23.00
CA HIS A 55 4.62 -0.98 -24.01
C HIS A 55 5.97 -1.66 -24.25
N LYS A 56 5.99 -2.98 -24.28
CA LYS A 56 7.26 -3.68 -24.53
C LYS A 56 7.62 -3.47 -26.02
N TRP A 57 8.86 -3.12 -26.33
CA TRP A 57 9.87 -2.75 -25.34
C TRP A 57 10.34 -1.41 -25.88
N GLN A 58 9.47 -0.42 -25.74
CA GLN A 58 9.73 0.92 -26.25
C GLN A 58 10.63 1.80 -25.39
N CYS A 59 11.11 2.89 -25.98
CA CYS A 59 11.99 3.81 -25.28
C CYS A 59 11.31 4.41 -24.06
N VAL A 60 9.99 4.67 -24.14
CA VAL A 60 9.27 5.25 -23.00
C VAL A 60 9.17 4.24 -21.82
N GLU A 61 8.91 2.97 -22.16
CA GLU A 61 8.83 1.88 -21.18
C GLU A 61 10.16 1.79 -20.40
N PHE A 62 11.30 1.87 -21.08
CA PHE A 62 12.59 1.83 -20.36
C PHE A 62 12.81 3.06 -19.44
N ALA A 63 12.53 4.26 -19.97
CA ALA A 63 12.72 5.50 -19.22
C ALA A 63 11.96 5.48 -17.89
N ARG A 64 10.69 5.12 -17.97
CA ARG A 64 9.80 5.04 -16.81
C ARG A 64 10.21 3.92 -15.82
N ARG A 65 10.56 2.75 -16.34
CA ARG A 65 10.99 1.64 -15.51
C ARG A 65 12.30 1.99 -14.78
N PHE A 66 13.19 2.71 -15.47
CA PHE A 66 14.46 3.12 -14.86
C PHE A 66 14.18 4.12 -13.70
N LEU A 67 13.29 5.08 -13.94
CA LEU A 67 12.97 6.07 -12.91
C LEU A 67 12.20 5.43 -11.73
N PHE A 68 11.34 4.46 -12.01
CA PHE A 68 10.57 3.83 -10.94
C PHE A 68 11.45 2.97 -10.05
N LEU A 69 12.27 2.14 -10.70
CA LEU A 69 13.16 1.23 -9.99
C LEU A 69 14.26 1.88 -9.19
N ASN A 70 14.85 2.95 -9.71
CA ASN A 70 15.94 3.61 -9.02
C ASN A 70 15.55 4.79 -8.14
N TYR A 71 14.46 5.48 -8.46
CA TYR A 71 14.07 6.66 -7.70
C TYR A 71 12.62 6.64 -7.23
N GLY A 72 11.90 5.59 -7.53
CA GLY A 72 10.52 5.52 -7.08
C GLY A 72 9.58 6.58 -7.65
N VAL A 73 9.88 7.08 -8.83
CA VAL A 73 9.01 8.08 -9.45
C VAL A 73 8.69 7.65 -10.88
N VAL A 74 7.66 8.28 -11.44
CA VAL A 74 7.24 8.00 -12.79
C VAL A 74 6.62 9.23 -13.44
N PHE A 75 6.63 9.31 -14.76
CA PHE A 75 5.98 10.41 -15.43
C PHE A 75 4.70 9.84 -16.06
N THR A 76 3.68 10.67 -16.23
CA THR A 76 2.40 10.22 -16.80
C THR A 76 2.47 9.64 -18.20
N ASP A 77 1.37 8.98 -18.56
CA ASP A 77 1.21 8.38 -19.88
C ASP A 77 1.33 9.52 -20.91
N VAL A 78 2.07 9.27 -21.97
CA VAL A 78 2.25 10.24 -23.04
C VAL A 78 2.00 9.50 -24.33
N GLY A 79 1.57 10.21 -25.36
CA GLY A 79 1.30 9.55 -26.62
C GLY A 79 2.62 9.23 -27.29
N MET A 80 3.48 10.24 -27.37
CA MET A 80 4.79 10.06 -27.99
C MET A 80 5.85 10.54 -27.02
N ALA A 81 7.06 9.99 -27.19
CA ALA A 81 8.20 10.33 -26.37
C ALA A 81 8.51 11.84 -26.34
N TRP A 82 8.45 12.50 -27.50
CA TRP A 82 8.76 13.94 -27.52
C TRP A 82 7.90 14.76 -26.56
N GLU A 83 6.73 14.26 -26.21
CA GLU A 83 5.85 14.96 -25.28
C GLU A 83 6.33 15.06 -23.84
N ILE A 84 7.21 14.14 -23.41
CA ILE A 84 7.74 14.18 -22.06
C ILE A 84 8.38 15.55 -21.76
N PHE A 85 8.96 16.20 -22.77
CA PHE A 85 9.64 17.48 -22.58
C PHE A 85 8.73 18.61 -22.08
N SER A 86 7.42 18.50 -22.33
CA SER A 86 6.43 19.48 -21.89
C SER A 86 5.91 19.24 -20.48
N LEU A 87 6.26 18.10 -19.89
CA LEU A 87 5.83 17.76 -18.52
C LEU A 87 6.57 18.57 -17.47
N ARG A 88 5.88 18.89 -16.39
CA ARG A 88 6.49 19.68 -15.34
C ARG A 88 6.33 19.09 -13.95
N PHE A 89 6.05 17.80 -13.91
CA PHE A 89 5.94 17.12 -12.63
C PHE A 89 6.22 15.63 -12.79
N LEU A 90 6.58 14.99 -11.69
CA LEU A 90 6.77 13.56 -11.63
C LEU A 90 5.89 13.06 -10.47
N ARG A 91 5.38 11.85 -10.59
CA ARG A 91 4.60 11.28 -9.50
C ARG A 91 5.48 10.36 -8.62
N GLU A 92 5.44 10.55 -7.31
CA GLU A 92 6.20 9.67 -6.43
C GLU A 92 5.24 8.55 -6.06
N VAL A 93 5.58 7.34 -6.50
CA VAL A 93 4.76 6.15 -6.32
C VAL A 93 4.36 5.80 -4.90
N VAL A 94 5.34 5.73 -4.02
CA VAL A 94 5.12 5.41 -2.62
C VAL A 94 4.08 6.25 -1.83
N ASN A 95 3.70 7.42 -2.32
CA ASN A 95 2.72 8.25 -1.60
C ASN A 95 1.84 9.12 -2.50
N ASP A 96 1.81 8.77 -3.79
CA ASP A 96 1.04 9.52 -4.78
C ASP A 96 1.33 11.02 -4.69
N ASN A 97 2.54 11.33 -4.25
CA ASN A 97 3.00 12.70 -4.14
C ASN A 97 3.45 13.22 -5.54
N ILE A 98 3.39 14.55 -5.74
CA ILE A 98 3.73 15.15 -7.01
C ILE A 98 4.96 16.04 -6.91
N LEU A 99 6.04 15.67 -7.60
CA LEU A 99 7.29 16.41 -7.54
C LEU A 99 7.52 17.31 -8.74
N PRO A 100 8.18 18.46 -8.53
CA PRO A 100 8.46 19.38 -9.64
C PRO A 100 9.56 18.86 -10.58
N LEU A 101 9.36 19.05 -11.88
CA LEU A 101 10.31 18.63 -12.90
C LEU A 101 10.57 19.85 -13.83
N GLN A 102 11.84 20.17 -14.05
CA GLN A 102 12.24 21.30 -14.89
C GLN A 102 12.88 20.80 -16.17
N ALA A 103 12.67 21.54 -17.26
CA ALA A 103 13.21 21.25 -18.59
C ALA A 103 14.31 22.26 -18.97
N PHE A 104 15.42 21.77 -19.51
CA PHE A 104 16.49 22.67 -19.91
C PHE A 104 16.80 22.36 -21.34
N PRO A 105 16.92 23.41 -22.17
CA PRO A 105 17.21 23.28 -23.59
C PRO A 105 18.64 22.80 -23.84
N ASN A 106 18.84 22.13 -24.98
CA ASN A 106 20.17 21.68 -25.34
C ASN A 106 20.94 22.99 -25.50
N GLY A 107 22.08 23.09 -24.82
CA GLY A 107 22.88 24.30 -24.91
C GLY A 107 22.76 25.20 -23.69
N SER A 108 22.14 24.68 -22.64
CA SER A 108 21.90 25.40 -21.39
C SER A 108 23.08 25.46 -20.41
N PRO A 109 23.05 26.45 -19.50
CA PRO A 109 24.11 26.60 -18.50
C PRO A 109 23.98 25.43 -17.52
N ARG A 110 22.75 24.97 -17.32
CA ARG A 110 22.47 23.84 -16.41
C ARG A 110 22.97 22.59 -17.07
N ALA A 111 23.95 21.95 -16.44
CA ALA A 111 24.54 20.74 -16.97
C ALA A 111 23.61 19.54 -16.86
N PRO A 112 23.74 18.58 -17.80
CA PRO A 112 22.96 17.34 -17.91
C PRO A 112 23.44 16.21 -16.98
N VAL A 113 23.22 16.39 -15.68
CA VAL A 113 23.62 15.43 -14.66
C VAL A 113 23.21 13.95 -14.88
N ALA A 114 23.85 13.02 -14.18
CA ALA A 114 23.51 11.59 -14.32
C ALA A 114 22.11 11.35 -13.76
N GLY A 115 21.33 10.52 -14.43
CA GLY A 115 19.97 10.27 -13.97
C GLY A 115 18.92 11.10 -14.68
N ALA A 116 19.34 12.16 -15.37
CA ALA A 116 18.38 13.03 -16.07
C ALA A 116 17.74 12.39 -17.31
N LEU A 117 16.51 12.81 -17.60
CA LEU A 117 15.83 12.32 -18.79
C LEU A 117 16.42 13.19 -19.90
N LEU A 118 16.49 12.66 -21.12
CA LEU A 118 17.04 13.37 -22.27
C LEU A 118 16.02 13.14 -23.35
N ILE A 119 15.44 14.21 -23.89
CA ILE A 119 14.37 14.08 -24.87
C ILE A 119 14.73 14.59 -26.27
N TRP A 120 14.29 13.85 -27.28
CA TRP A 120 14.46 14.18 -28.69
C TRP A 120 13.10 14.60 -29.22
N ASP A 121 13.09 15.61 -30.08
CA ASP A 121 11.84 16.06 -30.64
C ASP A 121 11.52 15.06 -31.75
N LYS A 122 10.31 15.11 -32.31
CA LYS A 122 10.00 14.20 -33.40
C LYS A 122 10.79 14.75 -34.59
N GLY A 123 11.34 13.87 -35.42
CA GLY A 123 12.13 14.30 -36.57
C GLY A 123 13.33 13.41 -36.85
N GLY A 124 13.64 13.30 -38.15
CA GLY A 124 14.78 12.51 -38.61
C GLY A 124 14.64 11.02 -38.37
N GLU A 125 15.63 10.47 -37.69
CA GLU A 125 15.70 9.06 -37.31
C GLU A 125 14.52 8.75 -36.38
N PHE A 126 14.11 9.74 -35.61
CA PHE A 126 13.00 9.57 -34.67
C PHE A 126 11.70 10.20 -35.20
N LYS A 127 11.53 10.10 -36.52
CA LYS A 127 10.37 10.60 -37.23
C LYS A 127 9.32 11.35 -36.42
N ASP A 128 8.19 10.72 -36.15
CA ASP A 128 7.10 11.40 -35.43
C ASP A 128 6.92 11.04 -33.95
N THR A 129 7.71 10.09 -33.46
CA THR A 129 7.61 9.66 -32.08
C THR A 129 8.60 10.40 -31.19
N GLY A 130 9.70 10.89 -31.78
CA GLY A 130 10.71 11.53 -30.95
C GLY A 130 11.40 10.40 -30.17
N HIS A 131 12.10 10.71 -29.08
CA HIS A 131 12.81 9.67 -28.34
C HIS A 131 13.14 10.10 -26.91
N VAL A 132 13.37 9.11 -26.06
CA VAL A 132 13.74 9.43 -24.70
C VAL A 132 14.80 8.45 -24.22
N ALA A 133 15.78 8.99 -23.52
CA ALA A 133 16.86 8.21 -22.96
C ALA A 133 17.23 8.71 -21.60
N ILE A 134 18.01 7.91 -20.89
CA ILE A 134 18.49 8.29 -19.58
C ILE A 134 20.02 8.59 -19.65
N ILE A 135 20.43 9.69 -19.04
CA ILE A 135 21.84 10.02 -19.00
C ILE A 135 22.45 9.22 -17.82
N THR A 136 23.44 8.36 -18.10
CA THR A 136 24.06 7.55 -17.03
C THR A 136 25.37 8.10 -16.47
N GLN A 137 26.11 8.88 -17.27
CA GLN A 137 27.35 9.48 -16.79
C GLN A 137 27.93 10.62 -17.64
N LEU A 138 28.44 11.63 -16.94
CA LEU A 138 29.06 12.79 -17.57
C LEU A 138 30.60 12.71 -17.60
N HIS A 139 31.21 13.03 -18.75
CA HIS A 139 32.67 12.99 -18.91
C HIS A 139 33.37 14.25 -19.46
N GLY A 140 33.01 15.44 -19.00
CA GLY A 140 33.69 16.63 -19.48
C GLY A 140 33.61 16.90 -20.97
N ASN A 141 33.88 15.88 -21.80
CA ASN A 141 33.82 16.03 -23.24
C ASN A 141 32.74 15.11 -23.82
N LYS A 142 32.09 14.32 -22.98
CA LYS A 142 31.06 13.43 -23.49
C LYS A 142 30.05 13.02 -22.46
N VAL A 143 29.05 12.31 -22.92
CA VAL A 143 28.02 11.81 -22.06
C VAL A 143 27.60 10.43 -22.52
N ARG A 144 27.36 9.53 -21.58
CA ARG A 144 26.88 8.20 -21.94
C ARG A 144 25.41 8.16 -21.53
N ILE A 145 24.62 7.42 -22.28
CA ILE A 145 23.20 7.33 -22.00
C ILE A 145 22.75 5.89 -22.20
N ALA A 146 21.57 5.57 -21.66
CA ALA A 146 20.96 4.24 -21.77
C ALA A 146 19.54 4.45 -22.34
N GLU A 147 19.07 3.54 -23.19
CA GLU A 147 17.77 3.70 -23.84
C GLU A 147 17.36 2.33 -24.37
N GLN A 148 16.13 2.18 -24.84
CA GLN A 148 15.69 0.88 -25.33
C GLN A 148 15.32 0.63 -26.79
N ASN A 149 14.66 1.54 -27.48
CA ASN A 149 14.32 1.22 -28.85
C ASN A 149 15.30 1.80 -29.90
N VAL A 150 16.59 1.74 -29.62
CA VAL A 150 17.60 2.23 -30.55
C VAL A 150 18.50 1.08 -31.01
N ILE A 151 19.22 0.46 -30.07
CA ILE A 151 20.07 -0.67 -30.42
C ILE A 151 19.32 -1.94 -30.00
N HIS A 152 19.35 -2.97 -30.85
CA HIS A 152 18.65 -4.20 -30.51
C HIS A 152 19.58 -5.40 -30.41
N SER A 153 20.87 -5.13 -30.24
CA SER A 153 21.87 -6.18 -30.12
C SER A 153 22.52 -6.16 -28.73
N PRO A 154 22.92 -7.35 -28.23
CA PRO A 154 23.55 -7.50 -26.92
C PRO A 154 24.76 -6.59 -26.73
N LEU A 155 24.72 -5.79 -25.68
CA LEU A 155 25.80 -4.88 -25.38
C LEU A 155 26.99 -5.64 -24.82
N PRO A 156 28.19 -5.05 -24.91
CA PRO A 156 29.41 -5.67 -24.38
C PRO A 156 29.16 -6.06 -22.92
N GLN A 157 29.68 -7.21 -22.52
CA GLN A 157 29.49 -7.71 -21.15
C GLN A 157 29.83 -6.67 -20.08
N GLY A 158 28.85 -6.39 -19.21
CA GLY A 158 29.07 -5.40 -18.16
C GLY A 158 28.88 -3.94 -18.52
N GLN A 159 28.85 -3.60 -19.82
CA GLN A 159 28.67 -2.20 -20.21
C GLN A 159 27.24 -1.75 -19.88
N GLN A 160 27.11 -0.72 -19.07
CA GLN A 160 25.78 -0.24 -18.68
C GLN A 160 25.35 1.08 -19.34
N TRP A 161 25.56 1.19 -20.65
CA TRP A 161 25.15 2.35 -21.42
C TRP A 161 25.00 1.88 -22.85
N THR A 162 24.18 2.57 -23.66
CA THR A 162 23.97 2.17 -25.05
C THR A 162 24.71 3.03 -26.10
N ARG A 163 24.91 4.33 -25.80
CA ARG A 163 25.58 5.23 -26.74
C ARG A 163 26.28 6.37 -26.02
N GLU A 164 27.28 6.95 -26.68
CA GLU A 164 28.01 8.08 -26.13
C GLU A 164 27.65 9.25 -27.04
N LEU A 165 27.51 10.44 -26.49
CA LEU A 165 27.20 11.60 -27.32
C LEU A 165 28.23 12.63 -26.96
N GLU A 166 28.71 13.33 -27.97
CA GLU A 166 29.71 14.35 -27.74
C GLU A 166 29.09 15.54 -27.01
N MET A 167 29.79 16.03 -26.00
CA MET A 167 29.28 17.19 -25.30
C MET A 167 30.31 18.30 -25.42
N VAL A 168 29.85 19.49 -25.81
CA VAL A 168 30.75 20.63 -25.91
C VAL A 168 30.41 21.62 -24.81
N VAL A 169 31.42 22.13 -24.13
CA VAL A 169 31.20 23.08 -23.06
C VAL A 169 31.82 24.42 -23.46
N GLU A 170 30.97 25.37 -23.86
CA GLU A 170 31.45 26.67 -24.32
C GLU A 170 30.94 27.85 -23.52
N ASN A 171 31.81 28.42 -22.71
CA ASN A 171 31.48 29.56 -21.88
C ASN A 171 30.32 29.33 -20.92
N GLY A 172 30.50 28.39 -20.00
CA GLY A 172 29.48 28.10 -19.01
C GLY A 172 28.28 27.29 -19.50
N CYS A 173 28.15 27.12 -20.81
CA CYS A 173 27.03 26.37 -21.38
C CYS A 173 27.42 24.96 -21.82
N TYR A 174 26.41 24.09 -21.92
CA TYR A 174 26.61 22.69 -22.32
C TYR A 174 25.69 22.33 -23.48
N THR A 175 26.26 21.72 -24.51
CA THR A 175 25.52 21.31 -25.71
C THR A 175 25.89 19.87 -26.06
N LEU A 176 24.89 19.06 -26.42
CA LEU A 176 25.11 17.67 -26.79
C LEU A 176 24.87 17.55 -28.28
N LYS A 177 25.60 16.65 -28.89
CA LYS A 177 25.47 16.41 -30.32
C LYS A 177 25.03 14.97 -30.43
N ASP A 178 23.99 14.70 -31.21
CA ASP A 178 23.51 13.34 -31.32
C ASP A 178 24.36 12.51 -32.30
N THR A 179 24.24 11.19 -32.23
CA THR A 179 25.03 10.35 -33.14
C THR A 179 24.38 10.30 -34.51
N PHE A 180 23.15 10.80 -34.62
CA PHE A 180 22.49 10.82 -35.92
C PHE A 180 22.63 12.24 -36.47
N ASP A 181 22.64 12.37 -37.79
CA ASP A 181 22.79 13.69 -38.42
C ASP A 181 21.47 14.41 -38.69
N ASP A 182 20.34 13.72 -38.56
CA ASP A 182 19.04 14.33 -38.86
C ASP A 182 18.05 14.43 -37.69
N THR A 183 18.54 14.34 -36.46
CA THR A 183 17.68 14.40 -35.30
C THR A 183 17.79 15.74 -34.60
N THR A 184 16.85 16.01 -33.69
CA THR A 184 16.82 17.24 -32.89
C THR A 184 16.68 16.89 -31.42
N ILE A 185 17.66 17.28 -30.61
CA ILE A 185 17.61 17.01 -29.16
C ILE A 185 16.95 18.21 -28.52
N LEU A 186 15.89 17.99 -27.76
CA LEU A 186 15.21 19.13 -27.14
C LEU A 186 15.98 19.63 -25.93
N GLY A 187 16.40 18.69 -25.10
CA GLY A 187 17.10 19.05 -23.89
C GLY A 187 16.89 18.00 -22.82
N TRP A 188 17.27 18.32 -21.58
CA TRP A 188 17.15 17.38 -20.49
C TRP A 188 16.27 17.85 -19.33
N MET A 189 15.84 16.91 -18.50
CA MET A 189 14.95 17.23 -17.38
C MET A 189 15.50 16.72 -16.08
N ILE A 190 15.44 17.57 -15.08
CA ILE A 190 15.94 17.25 -13.74
C ILE A 190 14.82 17.51 -12.74
N GLN A 191 14.66 16.59 -11.79
CA GLN A 191 13.63 16.72 -10.78
C GLN A 191 14.19 17.63 -9.69
N THR A 192 13.91 18.93 -9.79
CA THR A 192 14.40 19.92 -8.86
C THR A 192 13.40 21.10 -8.73
N GLU A 193 13.47 21.85 -7.63
CA GLU A 193 12.59 23.01 -7.45
C GLU A 193 13.37 24.23 -7.91
N ASP A 194 14.64 24.03 -8.25
CA ASP A 194 15.47 25.13 -8.73
C ASP A 194 15.06 25.41 -10.16
N THR A 195 14.48 26.58 -10.37
CA THR A 195 13.99 26.99 -11.69
C THR A 195 14.97 27.71 -12.57
N GLU A 196 16.10 28.13 -12.00
CA GLU A 196 17.08 28.85 -12.78
C GLU A 196 17.48 28.12 -14.07
N TYR A 197 17.52 28.89 -15.17
CA TYR A 197 17.89 28.37 -16.49
C TYR A 197 16.80 27.53 -17.16
N SER A 198 15.77 27.13 -16.42
CA SER A 198 14.72 26.29 -16.98
C SER A 198 13.71 26.94 -17.94
N LEU A 199 12.98 26.10 -18.66
CA LEU A 199 11.99 26.58 -19.62
C LEU A 199 10.62 26.76 -18.98
N PRO A 200 9.83 27.70 -19.51
CA PRO A 200 8.50 27.89 -18.94
C PRO A 200 7.67 26.78 -19.57
N GLN A 201 6.70 26.23 -18.86
CA GLN A 201 5.89 25.17 -19.46
C GLN A 201 5.22 25.67 -20.73
N PRO A 202 5.37 24.93 -21.83
CA PRO A 202 4.70 25.45 -23.01
C PRO A 202 3.18 25.48 -22.84
N GLU A 203 2.55 26.42 -23.53
CA GLU A 203 1.10 26.58 -23.52
C GLU A 203 0.73 26.60 -25.00
N ILE A 204 -0.37 25.94 -25.35
CA ILE A 204 -0.78 25.88 -26.75
C ILE A 204 -1.33 27.23 -27.22
N ALA A 205 -1.25 27.49 -28.53
CA ALA A 205 -1.79 28.74 -29.07
C ALA A 205 -3.33 28.64 -29.13
N GLY A 206 -4.00 29.65 -28.61
CA GLY A 206 -5.46 29.65 -28.60
C GLY A 206 -6.18 29.19 -29.85
N GLU A 207 -5.79 29.74 -31.00
CA GLU A 207 -6.44 29.40 -32.25
C GLU A 207 -6.53 27.90 -32.49
N LEU A 208 -5.51 27.17 -32.06
CA LEU A 208 -5.46 25.71 -32.22
C LEU A 208 -6.53 24.99 -31.39
N LEU A 209 -7.13 25.67 -30.43
CA LEU A 209 -8.15 25.08 -29.56
C LEU A 209 -9.54 25.49 -29.98
N LYS A 210 -9.64 26.12 -31.14
CA LYS A 210 -10.94 26.54 -31.62
C LYS A 210 -11.72 25.34 -32.12
N ILE A 211 -13.00 25.27 -31.75
CA ILE A 211 -13.86 24.18 -32.24
C ILE A 211 -14.63 24.76 -33.44
N SER A 212 -14.57 24.08 -34.57
CA SER A 212 -15.23 24.54 -35.80
C SER A 212 -16.44 23.73 -36.22
N GLY A 213 -17.41 24.40 -36.84
CA GLY A 213 -18.57 23.69 -37.32
C GLY A 213 -18.21 23.20 -38.71
N ALA A 214 -18.86 22.14 -39.16
CA ALA A 214 -18.61 21.56 -40.48
C ALA A 214 -19.86 20.80 -40.93
N ARG A 215 -19.97 20.54 -42.23
CA ARG A 215 -21.13 19.84 -42.75
C ARG A 215 -20.85 18.78 -43.82
N LEU A 216 -21.61 17.70 -43.78
CA LEU A 216 -21.45 16.62 -44.74
C LEU A 216 -22.34 16.95 -45.92
N GLU A 217 -22.09 16.35 -47.07
CA GLU A 217 -22.98 16.60 -48.18
C GLU A 217 -24.19 15.75 -47.88
N ASN A 218 -25.37 16.31 -48.09
CA ASN A 218 -26.60 15.58 -47.85
C ASN A 218 -26.97 14.76 -49.08
N LYS A 219 -26.83 13.44 -48.94
CA LYS A 219 -27.16 12.50 -50.00
C LYS A 219 -28.13 11.48 -49.41
N GLY A 220 -28.84 11.88 -48.36
CA GLY A 220 -29.79 10.98 -47.73
C GLY A 220 -29.22 9.87 -46.87
N GLN A 221 -27.93 9.92 -46.56
CA GLN A 221 -27.27 8.89 -45.75
C GLN A 221 -27.94 8.62 -44.39
N PHE A 222 -28.58 9.61 -43.80
CA PHE A 222 -29.20 9.44 -42.49
C PHE A 222 -30.72 9.54 -42.47
N ASP A 223 -31.32 9.65 -43.66
CA ASP A 223 -32.76 9.80 -43.74
C ASP A 223 -33.62 8.58 -43.38
N GLY A 224 -32.99 7.42 -43.18
CA GLY A 224 -33.76 6.24 -42.84
C GLY A 224 -33.23 5.58 -41.57
N LYS A 225 -33.14 4.25 -41.58
CA LYS A 225 -32.64 3.49 -40.44
C LYS A 225 -31.14 3.27 -40.59
N TRP A 226 -30.35 4.31 -40.29
CA TRP A 226 -28.90 4.19 -40.45
C TRP A 226 -28.21 3.37 -39.36
N LEU A 227 -28.86 3.20 -38.22
CA LEU A 227 -28.28 2.37 -37.15
C LEU A 227 -28.70 0.92 -37.39
N ASP A 228 -27.74 0.00 -37.39
CA ASP A 228 -28.02 -1.40 -37.62
C ASP A 228 -28.83 -2.04 -36.48
N GLU A 229 -30.10 -2.31 -36.73
CA GLU A 229 -30.97 -2.88 -35.71
C GLU A 229 -30.76 -4.36 -35.37
N LYS A 230 -29.93 -5.05 -36.14
CA LYS A 230 -29.67 -6.46 -35.81
C LYS A 230 -28.57 -6.59 -34.75
N ASP A 231 -27.83 -5.50 -34.56
CA ASP A 231 -26.78 -5.44 -33.53
C ASP A 231 -27.49 -5.04 -32.24
N PRO A 232 -27.61 -5.98 -31.27
CA PRO A 232 -28.27 -5.78 -29.98
C PRO A 232 -27.98 -4.43 -29.31
N LEU A 233 -26.71 -4.02 -29.34
CA LEU A 233 -26.29 -2.77 -28.75
C LEU A 233 -26.96 -1.59 -29.43
N GLN A 234 -26.83 -1.51 -30.74
CA GLN A 234 -27.44 -0.43 -31.48
C GLN A 234 -28.96 -0.50 -31.30
N ASN A 235 -29.51 -1.72 -31.29
CA ASN A 235 -30.95 -1.87 -31.11
C ASN A 235 -31.37 -1.32 -29.76
N ALA A 236 -30.57 -1.59 -28.74
CA ALA A 236 -30.89 -1.13 -27.40
C ALA A 236 -30.83 0.42 -27.42
N TYR A 237 -29.91 0.98 -28.20
CA TYR A 237 -29.81 2.42 -28.29
C TYR A 237 -31.09 3.00 -28.93
N VAL A 238 -31.52 2.40 -30.02
CA VAL A 238 -32.70 2.85 -30.72
C VAL A 238 -33.96 2.75 -29.86
N GLN A 239 -34.08 1.68 -29.07
CA GLN A 239 -35.30 1.56 -28.24
C GLN A 239 -35.40 2.72 -27.24
N ALA A 240 -34.27 3.32 -26.90
CA ALA A 240 -34.28 4.42 -25.96
C ALA A 240 -34.35 5.78 -26.62
N ASN A 241 -33.73 5.92 -27.79
CA ASN A 241 -33.65 7.22 -28.45
C ASN A 241 -34.18 7.35 -29.86
N GLY A 242 -34.43 6.23 -30.51
CA GLY A 242 -34.88 6.27 -31.88
C GLY A 242 -33.62 6.27 -32.74
N GLN A 243 -33.80 6.35 -34.05
CA GLN A 243 -32.68 6.40 -34.98
C GLN A 243 -32.20 7.84 -35.02
N VAL A 244 -31.76 8.37 -33.89
CA VAL A 244 -31.31 9.75 -33.84
C VAL A 244 -30.21 10.04 -32.83
N ILE A 245 -29.31 10.96 -33.20
CA ILE A 245 -28.24 11.36 -32.31
C ILE A 245 -28.44 12.80 -31.89
N ASN A 246 -28.76 13.66 -32.85
CA ASN A 246 -29.00 15.07 -32.53
C ASN A 246 -30.03 15.59 -33.53
N GLN A 247 -30.29 16.90 -33.54
CA GLN A 247 -31.28 17.42 -34.46
C GLN A 247 -30.89 17.50 -35.93
N ASP A 248 -29.59 17.50 -36.23
CA ASP A 248 -29.17 17.54 -37.61
C ASP A 248 -27.92 16.69 -37.80
N PRO A 249 -28.10 15.40 -38.16
CA PRO A 249 -26.99 14.47 -38.36
C PRO A 249 -26.00 14.76 -39.50
N TYR A 250 -26.30 15.77 -40.31
CA TYR A 250 -25.41 16.13 -41.40
C TYR A 250 -24.43 17.19 -40.94
N HIS A 251 -24.62 17.71 -39.73
CA HIS A 251 -23.70 18.70 -39.20
C HIS A 251 -22.70 18.06 -38.20
N TYR A 252 -21.44 18.49 -38.22
CA TYR A 252 -20.49 17.97 -37.24
C TYR A 252 -19.51 19.04 -36.79
N TYR A 253 -18.73 18.74 -35.75
CA TYR A 253 -17.72 19.68 -35.25
C TYR A 253 -16.34 19.10 -35.41
N THR A 254 -15.35 19.98 -35.56
CA THR A 254 -13.96 19.54 -35.70
C THR A 254 -13.05 20.25 -34.70
N ILE A 255 -11.94 19.58 -34.36
CA ILE A 255 -10.90 20.13 -33.50
C ILE A 255 -9.57 19.63 -34.12
N THR A 256 -8.49 20.34 -33.84
CA THR A 256 -7.19 19.97 -34.37
C THR A 256 -6.52 18.84 -33.62
N GLU A 257 -5.59 18.19 -34.29
CA GLU A 257 -4.87 17.11 -33.66
C GLU A 257 -4.12 17.72 -32.49
N SER A 258 -3.68 18.97 -32.61
CA SER A 258 -2.96 19.62 -31.53
C SER A 258 -3.89 19.93 -30.36
N ALA A 259 -5.17 20.18 -30.63
CA ALA A 259 -6.08 20.41 -29.50
C ALA A 259 -6.30 19.05 -28.79
N GLU A 260 -6.32 17.95 -29.55
CA GLU A 260 -6.52 16.66 -28.90
C GLU A 260 -5.31 16.28 -28.06
N GLN A 261 -4.11 16.57 -28.55
CA GLN A 261 -2.93 16.29 -27.77
C GLN A 261 -3.03 17.07 -26.48
N GLU A 262 -3.57 18.29 -26.54
CA GLU A 262 -3.72 19.07 -25.31
C GLU A 262 -4.75 18.42 -24.34
N LEU A 263 -5.83 17.86 -24.89
CA LEU A 263 -6.88 17.21 -24.08
C LEU A 263 -6.32 15.94 -23.44
N ILE A 264 -5.52 15.21 -24.20
CA ILE A 264 -4.90 14.01 -23.68
C ILE A 264 -4.02 14.40 -22.51
N LYS A 265 -3.23 15.44 -22.72
CA LYS A 265 -2.30 15.92 -21.71
C LYS A 265 -3.03 16.36 -20.43
N ALA A 266 -4.05 17.20 -20.60
CA ALA A 266 -4.83 17.70 -19.47
C ALA A 266 -5.50 16.55 -18.71
N THR A 267 -6.11 15.64 -19.46
CA THR A 267 -6.79 14.51 -18.84
C THR A 267 -5.84 13.71 -17.97
N ASN A 268 -4.67 13.36 -18.50
CA ASN A 268 -3.73 12.56 -17.71
C ASN A 268 -3.25 13.28 -16.45
N GLU A 269 -2.94 14.59 -16.60
CA GLU A 269 -2.47 15.42 -15.50
C GLU A 269 -3.52 15.61 -14.45
N LEU A 270 -4.75 15.95 -14.85
CA LEU A 270 -5.82 16.17 -13.87
C LEU A 270 -6.21 14.88 -13.13
N HIS A 271 -6.15 13.74 -13.81
CA HIS A 271 -6.48 12.50 -13.12
C HIS A 271 -5.53 12.32 -11.91
N LEU A 272 -4.24 12.55 -12.11
CA LEU A 272 -3.25 12.42 -11.02
C LEU A 272 -3.41 13.50 -9.97
N MET A 273 -3.81 14.69 -10.40
CA MET A 273 -4.04 15.78 -9.45
C MET A 273 -5.22 15.40 -8.55
N TYR A 274 -6.23 14.79 -9.16
CA TYR A 274 -7.41 14.35 -8.45
C TYR A 274 -7.09 13.22 -7.50
N LEU A 275 -6.20 12.31 -7.91
CA LEU A 275 -5.82 11.19 -7.05
C LEU A 275 -4.96 11.76 -5.91
N HIS A 276 -4.15 12.77 -6.19
CA HIS A 276 -3.35 13.39 -5.11
C HIS A 276 -4.29 14.08 -4.11
N ALA A 277 -5.27 14.82 -4.59
CA ALA A 277 -6.20 15.49 -3.67
C ALA A 277 -6.97 14.44 -2.86
N THR A 278 -7.33 13.34 -3.52
CA THR A 278 -8.04 12.26 -2.83
C THR A 278 -7.20 11.73 -1.65
N ASP A 279 -5.92 11.46 -1.91
CA ASP A 279 -5.04 10.98 -0.86
C ASP A 279 -5.02 11.97 0.31
N LYS A 280 -4.80 13.25 0.01
CA LYS A 280 -4.77 14.29 1.05
C LYS A 280 -6.09 14.35 1.84
N VAL A 281 -7.23 14.18 1.17
CA VAL A 281 -8.50 14.20 1.88
C VAL A 281 -8.63 13.01 2.84
N LEU A 282 -8.34 11.81 2.35
CA LEU A 282 -8.46 10.63 3.18
C LEU A 282 -7.46 10.54 4.33
N LYS A 283 -6.54 11.49 4.41
CA LYS A 283 -5.55 11.53 5.47
C LYS A 283 -5.94 12.53 6.56
N ASP A 284 -6.85 13.45 6.24
CA ASP A 284 -7.23 14.48 7.20
C ASP A 284 -8.74 14.55 7.46
N ASP A 285 -9.13 14.22 8.68
CA ASP A 285 -10.53 14.25 9.09
C ASP A 285 -11.16 15.63 8.85
N ASN A 286 -10.38 16.69 8.97
CA ASN A 286 -10.90 18.04 8.76
C ASN A 286 -11.37 18.25 7.32
N LEU A 287 -10.65 17.63 6.38
CA LEU A 287 -11.00 17.73 4.97
C LEU A 287 -12.13 16.79 4.60
N LEU A 288 -12.10 15.57 5.12
CA LEU A 288 -13.14 14.59 4.81
C LEU A 288 -14.53 15.05 5.25
N ALA A 289 -14.61 15.71 6.41
CA ALA A 289 -15.90 16.20 6.92
C ALA A 289 -16.61 17.19 5.98
N LEU A 290 -15.85 17.80 5.08
CA LEU A 290 -16.41 18.75 4.13
C LEU A 290 -17.28 18.08 3.06
N PHE A 291 -17.11 16.78 2.87
CA PHE A 291 -17.86 16.02 1.85
C PHE A 291 -19.28 15.56 2.20
N ASP A 292 -19.67 15.73 3.47
CA ASP A 292 -20.99 15.32 3.94
C ASP A 292 -21.31 13.85 3.73
N ILE A 293 -20.28 13.01 3.82
CA ILE A 293 -20.45 11.58 3.68
C ILE A 293 -20.66 11.05 5.10
N PRO A 294 -21.54 10.06 5.28
CA PRO A 294 -21.79 9.49 6.62
C PRO A 294 -20.54 8.97 7.31
N LYS A 295 -20.32 9.43 8.54
CA LYS A 295 -19.13 9.05 9.29
C LYS A 295 -18.86 7.56 9.37
N ILE A 296 -19.91 6.76 9.40
CA ILE A 296 -19.74 5.31 9.51
C ILE A 296 -18.95 4.72 8.33
N LEU A 297 -18.98 5.41 7.20
CA LEU A 297 -18.25 4.97 6.01
C LEU A 297 -16.77 5.40 5.97
N TRP A 298 -16.43 6.43 6.72
CA TRP A 298 -15.04 6.89 6.70
C TRP A 298 -13.97 5.76 6.73
N PRO A 299 -14.00 4.84 7.74
CA PRO A 299 -12.99 3.79 7.74
C PRO A 299 -12.99 2.96 6.45
N ARG A 300 -14.16 2.72 5.88
CA ARG A 300 -14.29 1.94 4.64
C ARG A 300 -13.69 2.69 3.43
N LEU A 301 -13.99 3.98 3.36
CA LEU A 301 -13.46 4.84 2.29
C LEU A 301 -11.94 4.66 2.25
N ARG A 302 -11.33 4.72 3.43
CA ARG A 302 -9.88 4.59 3.54
C ARG A 302 -9.41 3.21 3.15
N LEU A 303 -10.12 2.17 3.62
CA LEU A 303 -9.72 0.82 3.26
C LEU A 303 -9.77 0.71 1.75
N SER A 304 -10.88 1.16 1.16
CA SER A 304 -11.04 1.13 -0.32
C SER A 304 -9.85 1.81 -1.04
N TRP A 305 -9.52 3.03 -0.62
CA TRP A 305 -8.37 3.76 -1.23
C TRP A 305 -7.08 2.94 -1.11
N GLN A 306 -6.92 2.22 -0.02
CA GLN A 306 -5.72 1.45 0.15
C GLN A 306 -5.68 0.19 -0.70
N ARG A 307 -6.78 -0.57 -0.70
CA ARG A 307 -6.89 -1.82 -1.46
C ARG A 307 -7.28 -1.72 -2.93
N ARG A 308 -8.10 -0.73 -3.26
CA ARG A 308 -8.61 -0.58 -4.63
C ARG A 308 -7.98 0.58 -5.38
N ARG A 309 -6.80 1.00 -4.95
CA ARG A 309 -6.06 2.09 -5.56
C ARG A 309 -6.00 2.06 -7.08
N HIS A 310 -5.74 0.89 -7.64
CA HIS A 310 -5.59 0.73 -9.09
C HIS A 310 -6.75 0.09 -9.80
N HIS A 311 -7.93 0.08 -9.19
CA HIS A 311 -9.07 -0.58 -9.81
C HIS A 311 -10.14 0.26 -10.44
N MET A 312 -9.96 1.57 -10.51
CA MET A 312 -10.98 2.39 -11.15
C MET A 312 -11.02 1.99 -12.63
N ILE A 313 -12.20 1.80 -13.19
CA ILE A 313 -12.26 1.39 -14.58
C ILE A 313 -12.34 2.57 -15.55
N THR A 314 -13.28 3.47 -15.33
CA THR A 314 -13.44 4.59 -16.25
C THR A 314 -14.15 5.77 -15.60
N GLY A 315 -13.89 6.97 -16.10
CA GLY A 315 -14.51 8.18 -15.58
C GLY A 315 -14.62 9.19 -16.72
N ARG A 316 -15.38 10.28 -16.53
CA ARG A 316 -15.53 11.27 -17.57
C ARG A 316 -15.26 12.68 -17.04
N MET A 317 -14.35 13.41 -17.67
CA MET A 317 -14.03 14.79 -17.29
C MET A 317 -14.77 15.76 -18.20
N ASP A 318 -15.32 16.82 -17.61
CA ASP A 318 -16.10 17.86 -18.32
C ASP A 318 -15.25 19.14 -18.47
N PHE A 319 -15.04 19.59 -19.70
CA PHE A 319 -14.17 20.76 -19.96
C PHE A 319 -14.79 21.87 -20.83
N CYS A 320 -14.28 23.09 -20.61
CA CYS A 320 -14.64 24.21 -21.45
C CYS A 320 -13.34 24.45 -22.24
N MET A 321 -13.43 24.35 -23.57
CA MET A 321 -12.28 24.54 -24.44
C MET A 321 -12.59 25.46 -25.62
N ASP A 322 -11.73 26.45 -25.81
CA ASP A 322 -11.77 27.39 -26.92
C ASP A 322 -10.51 28.24 -26.83
N GLU A 323 -10.39 29.27 -27.67
CA GLU A 323 -9.18 30.06 -27.65
C GLU A 323 -8.78 30.68 -26.31
N ARG A 324 -9.67 30.72 -25.33
CA ARG A 324 -9.25 31.27 -24.03
C ARG A 324 -8.45 30.21 -23.27
N GLY A 325 -8.52 28.96 -23.72
CA GLY A 325 -7.82 27.88 -23.05
C GLY A 325 -8.67 26.64 -22.77
N LEU A 326 -8.24 25.88 -21.76
CA LEU A 326 -8.87 24.63 -21.35
C LEU A 326 -9.07 24.63 -19.85
N LYS A 327 -10.32 24.52 -19.42
CA LYS A 327 -10.67 24.51 -18.02
C LYS A 327 -11.52 23.27 -17.70
N VAL A 328 -11.36 22.74 -16.50
CA VAL A 328 -12.15 21.57 -16.12
C VAL A 328 -13.23 22.00 -15.12
N TYR A 329 -14.47 21.62 -15.40
CA TYR A 329 -15.62 21.93 -14.54
C TYR A 329 -15.75 20.90 -13.42
N GLU A 330 -15.55 19.62 -13.79
CA GLU A 330 -15.70 18.50 -12.86
C GLU A 330 -15.15 17.18 -13.41
N TYR A 331 -15.09 16.18 -12.52
CA TYR A 331 -14.63 14.86 -12.88
C TYR A 331 -15.64 13.84 -12.31
N ASN A 332 -16.42 13.26 -13.22
CA ASN A 332 -17.42 12.26 -12.91
C ASN A 332 -16.67 10.94 -12.78
N ALA A 333 -16.14 10.71 -11.58
CA ALA A 333 -15.34 9.52 -11.33
C ALA A 333 -16.13 8.28 -10.90
N ASP A 334 -17.34 8.47 -10.37
CA ASP A 334 -18.15 7.36 -9.88
C ASP A 334 -18.96 6.62 -10.92
N SER A 335 -19.95 7.28 -11.49
CA SER A 335 -20.75 6.63 -12.52
C SER A 335 -20.86 7.56 -13.71
N ALA A 336 -20.09 7.27 -14.74
CA ALA A 336 -20.10 8.11 -15.93
C ALA A 336 -20.68 7.33 -17.10
N SER A 337 -21.30 8.05 -18.02
CA SER A 337 -21.88 7.43 -19.20
C SER A 337 -21.40 8.16 -20.46
N CYS A 338 -22.10 7.99 -21.57
CA CYS A 338 -21.78 8.60 -22.87
C CYS A 338 -20.84 7.69 -23.68
N HIS A 339 -20.36 6.62 -23.05
CA HIS A 339 -19.45 5.70 -23.76
C HIS A 339 -20.05 5.13 -25.03
N THR A 340 -21.29 4.66 -24.94
CA THR A 340 -21.98 4.08 -26.07
C THR A 340 -22.10 5.13 -27.19
N GLU A 341 -22.55 6.33 -26.83
CA GLU A 341 -22.66 7.40 -27.80
C GLU A 341 -21.34 7.69 -28.53
N ALA A 342 -20.32 8.09 -27.79
CA ALA A 342 -19.03 8.43 -28.43
C ALA A 342 -18.31 7.26 -29.13
N GLY A 343 -18.26 6.10 -28.46
CA GLY A 343 -17.54 4.97 -29.03
C GLY A 343 -18.28 3.97 -29.90
N LEU A 344 -19.59 4.11 -30.05
CA LEU A 344 -20.28 3.18 -30.90
C LEU A 344 -21.21 3.89 -31.85
N ILE A 345 -22.11 4.72 -31.30
CA ILE A 345 -23.06 5.45 -32.14
C ILE A 345 -22.36 6.41 -33.10
N LEU A 346 -21.36 7.15 -32.61
CA LEU A 346 -20.62 8.08 -33.48
C LEU A 346 -19.74 7.33 -34.49
N GLU A 347 -19.36 6.10 -34.14
CA GLU A 347 -18.58 5.27 -35.06
C GLU A 347 -19.48 4.89 -36.24
N ARG A 348 -20.73 4.56 -35.92
CA ARG A 348 -21.70 4.17 -36.93
C ARG A 348 -22.03 5.38 -37.82
N TRP A 349 -22.13 6.55 -37.18
CA TRP A 349 -22.41 7.81 -37.86
C TRP A 349 -21.30 8.05 -38.91
N ALA A 350 -20.05 7.98 -38.48
CA ALA A 350 -18.91 8.20 -39.36
C ALA A 350 -18.86 7.23 -40.52
N GLU A 351 -19.13 5.97 -40.20
CA GLU A 351 -19.11 4.90 -41.18
C GLU A 351 -20.19 5.16 -42.22
N GLN A 352 -21.29 5.75 -41.76
CA GLN A 352 -22.43 5.99 -42.60
C GLN A 352 -22.39 7.29 -43.40
N GLY A 353 -21.84 8.35 -42.82
CA GLY A 353 -21.83 9.59 -43.57
C GLY A 353 -20.53 10.36 -43.72
N TYR A 354 -19.48 9.96 -43.00
CA TYR A 354 -18.22 10.68 -43.10
C TYR A 354 -17.20 10.04 -44.03
N LYS A 355 -16.73 10.80 -45.00
CA LYS A 355 -15.73 10.32 -45.95
C LYS A 355 -14.49 11.21 -45.99
N GLY A 356 -14.23 11.96 -44.93
CA GLY A 356 -13.08 12.84 -44.88
C GLY A 356 -11.85 12.11 -44.39
N ASN A 357 -10.85 12.86 -43.93
CA ASN A 357 -9.61 12.27 -43.46
C ASN A 357 -9.50 12.26 -41.93
N GLY A 358 -10.41 12.95 -41.26
CA GLY A 358 -10.35 12.98 -39.81
C GLY A 358 -10.80 11.66 -39.20
N PHE A 359 -10.85 11.60 -37.87
CA PHE A 359 -11.27 10.40 -37.18
C PHE A 359 -12.10 10.70 -35.91
N ASN A 360 -12.86 9.70 -35.47
CA ASN A 360 -13.66 9.81 -34.23
C ASN A 360 -12.67 9.55 -33.09
N PRO A 361 -12.38 10.58 -32.29
CA PRO A 361 -11.44 10.42 -31.19
C PRO A 361 -11.83 9.40 -30.12
N ALA A 362 -13.05 8.88 -30.18
CA ALA A 362 -13.48 7.89 -29.20
C ALA A 362 -13.58 6.50 -29.83
N GLU A 363 -13.09 6.34 -31.05
CA GLU A 363 -13.22 5.06 -31.74
C GLU A 363 -12.68 3.79 -31.05
N GLY A 364 -11.69 3.93 -30.19
CA GLY A 364 -11.19 2.74 -29.55
C GLY A 364 -11.73 2.48 -28.14
N LEU A 365 -12.76 3.22 -27.71
CA LEU A 365 -13.30 3.08 -26.35
C LEU A 365 -13.54 1.65 -25.84
N ILE A 366 -14.27 0.86 -26.62
CA ILE A 366 -14.57 -0.50 -26.23
C ILE A 366 -13.29 -1.31 -26.01
N ASN A 367 -12.32 -1.18 -26.90
CA ASN A 367 -11.08 -1.93 -26.74
C ASN A 367 -10.34 -1.44 -25.49
N GLU A 368 -10.33 -0.13 -25.28
CA GLU A 368 -9.67 0.46 -24.12
C GLU A 368 -10.31 -0.13 -22.86
N LEU A 369 -11.65 -0.14 -22.83
CA LEU A 369 -12.40 -0.67 -21.70
C LEU A 369 -12.11 -2.17 -21.46
N ALA A 370 -12.09 -2.95 -22.53
CA ALA A 370 -11.83 -4.40 -22.42
C ALA A 370 -10.42 -4.66 -21.82
N GLY A 371 -9.49 -3.76 -22.13
CA GLY A 371 -8.13 -3.85 -21.64
C GLY A 371 -8.04 -3.56 -20.15
N ALA A 372 -8.79 -2.56 -19.70
CA ALA A 372 -8.82 -2.19 -18.28
C ALA A 372 -9.38 -3.33 -17.42
N TRP A 373 -10.46 -3.93 -17.91
CA TRP A 373 -11.09 -5.04 -17.21
C TRP A 373 -10.15 -6.25 -17.15
N LYS A 374 -9.46 -6.50 -18.26
CA LYS A 374 -8.53 -7.63 -18.36
C LYS A 374 -7.41 -7.50 -17.35
N HIS A 375 -7.02 -6.28 -17.04
CA HIS A 375 -5.94 -6.11 -16.09
C HIS A 375 -6.45 -5.74 -14.73
N SER A 376 -7.77 -5.71 -14.57
CA SER A 376 -8.32 -5.43 -13.26
C SER A 376 -8.28 -6.78 -12.55
N ARG A 377 -8.74 -6.82 -11.33
CA ARG A 377 -8.75 -8.07 -10.60
C ARG A 377 -10.19 -8.48 -10.33
N ALA A 378 -11.07 -8.18 -11.26
CA ALA A 378 -12.46 -8.53 -11.11
C ALA A 378 -12.56 -10.05 -11.07
N ARG A 379 -13.57 -10.54 -10.35
CA ARG A 379 -13.80 -11.97 -10.23
C ARG A 379 -14.28 -12.52 -11.58
N PRO A 380 -14.11 -13.83 -11.80
CA PRO A 380 -14.55 -14.44 -13.06
C PRO A 380 -15.98 -14.15 -13.52
N PHE A 381 -16.95 -14.10 -12.59
CA PHE A 381 -18.31 -13.79 -13.02
C PHE A 381 -18.74 -12.40 -12.51
N VAL A 382 -19.11 -11.51 -13.42
CA VAL A 382 -19.52 -10.17 -13.02
C VAL A 382 -21.01 -9.87 -13.16
N HIS A 383 -21.65 -9.44 -12.10
CA HIS A 383 -23.05 -9.06 -12.23
C HIS A 383 -23.09 -7.55 -12.55
N ILE A 384 -23.86 -7.19 -13.56
CA ILE A 384 -24.00 -5.80 -13.95
C ILE A 384 -25.30 -5.29 -13.34
N MET A 385 -25.19 -4.27 -12.51
CA MET A 385 -26.36 -3.73 -11.86
C MET A 385 -26.80 -2.40 -12.43
N GLN A 386 -27.99 -2.39 -13.03
CA GLN A 386 -28.51 -1.17 -13.60
C GLN A 386 -29.91 -0.94 -13.03
N ASP A 387 -30.36 0.30 -13.12
CA ASP A 387 -31.68 0.69 -12.66
C ASP A 387 -32.63 0.35 -13.80
N LYS A 388 -33.94 0.33 -13.54
CA LYS A 388 -34.89 0.04 -14.61
C LYS A 388 -35.20 1.34 -15.37
N ASP A 389 -34.37 1.62 -16.36
CA ASP A 389 -34.44 2.78 -17.25
C ASP A 389 -33.99 2.20 -18.58
N ILE A 390 -34.75 2.43 -19.64
CA ILE A 390 -34.37 1.91 -20.95
C ILE A 390 -33.09 2.56 -21.41
N GLU A 391 -32.87 3.79 -20.96
CA GLU A 391 -31.66 4.52 -21.33
C GLU A 391 -30.44 3.85 -20.73
N GLU A 392 -30.61 3.16 -19.60
CA GLU A 392 -29.48 2.48 -18.99
C GLU A 392 -29.20 1.10 -19.57
N ASN A 393 -30.15 0.58 -20.34
CA ASN A 393 -29.97 -0.73 -20.99
C ASN A 393 -28.78 -0.75 -21.95
N TYR A 394 -28.67 0.26 -22.81
CA TYR A 394 -27.58 0.24 -23.76
C TYR A 394 -26.25 0.52 -23.13
N HIS A 395 -26.26 1.23 -22.00
CA HIS A 395 -25.02 1.52 -21.29
C HIS A 395 -24.55 0.23 -20.57
N ALA A 396 -25.48 -0.48 -19.93
CA ALA A 396 -25.13 -1.72 -19.27
C ALA A 396 -24.62 -2.74 -20.28
N GLN A 397 -25.24 -2.79 -21.45
CA GLN A 397 -24.87 -3.73 -22.51
C GLN A 397 -23.58 -3.38 -23.21
N PHE A 398 -23.27 -2.10 -23.28
CA PHE A 398 -22.03 -1.67 -23.87
C PHE A 398 -20.88 -2.19 -23.00
N MET A 399 -21.01 -1.98 -21.68
CA MET A 399 -19.98 -2.45 -20.74
C MET A 399 -19.91 -4.00 -20.73
N GLU A 400 -21.06 -4.67 -20.89
CA GLU A 400 -21.07 -6.13 -20.92
C GLU A 400 -20.21 -6.58 -22.11
N GLN A 401 -20.29 -5.84 -23.22
CA GLN A 401 -19.51 -6.18 -24.39
C GLN A 401 -18.01 -6.12 -24.12
N ALA A 402 -17.58 -5.10 -23.38
CA ALA A 402 -16.17 -4.95 -23.03
C ALA A 402 -15.79 -6.09 -22.08
N LEU A 403 -16.66 -6.37 -21.12
CA LEU A 403 -16.43 -7.45 -20.17
C LEU A 403 -16.29 -8.77 -20.91
N HIS A 404 -17.18 -9.04 -21.86
CA HIS A 404 -17.11 -10.27 -22.62
C HIS A 404 -15.82 -10.34 -23.40
N GLN A 405 -15.48 -9.25 -24.08
CA GLN A 405 -14.25 -9.21 -24.85
C GLN A 405 -13.04 -9.52 -23.97
N ALA A 406 -13.11 -9.17 -22.70
CA ALA A 406 -12.00 -9.43 -21.79
C ALA A 406 -12.04 -10.84 -21.15
N GLY A 407 -13.04 -11.65 -21.50
CA GLY A 407 -13.12 -12.99 -20.98
C GLY A 407 -13.98 -13.22 -19.75
N PHE A 408 -14.76 -12.22 -19.34
CA PHE A 408 -15.62 -12.35 -18.16
C PHE A 408 -17.02 -12.83 -18.54
N GLU A 409 -17.68 -13.51 -17.61
CA GLU A 409 -19.06 -13.94 -17.82
C GLU A 409 -19.84 -12.90 -17.04
N THR A 410 -21.07 -12.64 -17.44
CA THR A 410 -21.88 -11.61 -16.81
C THR A 410 -23.35 -11.97 -16.83
N ARG A 411 -24.12 -11.22 -16.05
CA ARG A 411 -25.57 -11.32 -15.99
C ARG A 411 -26.01 -9.91 -15.61
N ILE A 412 -26.97 -9.36 -16.35
CA ILE A 412 -27.44 -8.01 -16.06
C ILE A 412 -28.66 -8.01 -15.14
N LEU A 413 -28.56 -7.25 -14.07
CA LEU A 413 -29.64 -7.13 -13.10
C LEU A 413 -30.31 -5.76 -13.26
N ARG A 414 -31.59 -5.75 -13.63
CA ARG A 414 -32.30 -4.50 -13.80
C ARG A 414 -33.17 -4.31 -12.55
N GLY A 415 -32.84 -3.30 -11.74
CA GLY A 415 -33.57 -3.07 -10.51
C GLY A 415 -33.03 -4.06 -9.48
N LEU A 416 -33.67 -4.15 -8.31
CA LEU A 416 -33.20 -5.07 -7.28
C LEU A 416 -34.09 -6.29 -6.98
N ASP A 417 -35.21 -6.40 -7.68
CA ASP A 417 -36.18 -7.47 -7.50
C ASP A 417 -35.66 -8.90 -7.63
N GLU A 418 -34.73 -9.13 -8.54
CA GLU A 418 -34.21 -10.48 -8.71
C GLU A 418 -33.31 -10.97 -7.57
N LEU A 419 -32.83 -10.05 -6.72
CA LEU A 419 -31.93 -10.39 -5.62
C LEU A 419 -32.57 -10.95 -4.34
N GLY A 420 -31.83 -11.85 -3.67
CA GLY A 420 -32.31 -12.43 -2.43
C GLY A 420 -31.17 -13.10 -1.66
N TRP A 421 -31.43 -13.51 -0.42
CA TRP A 421 -30.42 -14.15 0.42
C TRP A 421 -30.74 -15.61 0.65
N ASP A 422 -29.71 -16.43 0.87
CA ASP A 422 -29.94 -17.83 1.16
C ASP A 422 -30.24 -17.91 2.65
N ALA A 423 -30.32 -19.14 3.16
CA ALA A 423 -30.62 -19.39 4.57
C ALA A 423 -29.74 -18.62 5.56
N ALA A 424 -28.42 -18.76 5.42
CA ALA A 424 -27.46 -18.09 6.30
C ALA A 424 -27.40 -16.56 6.11
N GLY A 425 -27.63 -16.10 4.89
CA GLY A 425 -27.60 -14.68 4.62
C GLY A 425 -26.67 -14.28 3.48
N GLN A 426 -26.33 -15.23 2.61
CA GLN A 426 -25.48 -14.92 1.47
C GLN A 426 -26.37 -14.26 0.40
N LEU A 427 -25.75 -13.46 -0.47
CA LEU A 427 -26.47 -12.77 -1.55
C LEU A 427 -26.48 -13.61 -2.82
N ILE A 428 -27.67 -13.82 -3.39
CA ILE A 428 -27.79 -14.62 -4.62
C ILE A 428 -28.67 -13.88 -5.62
N ASP A 429 -28.47 -14.18 -6.90
CA ASP A 429 -29.26 -13.56 -7.94
C ASP A 429 -30.46 -14.48 -8.25
N GLY A 430 -31.15 -14.19 -9.34
CA GLY A 430 -32.31 -14.98 -9.73
C GLY A 430 -32.02 -16.47 -9.82
N GLU A 431 -31.15 -16.86 -10.74
CA GLU A 431 -30.81 -18.26 -10.92
C GLU A 431 -30.03 -18.86 -9.75
N GLY A 432 -30.15 -18.24 -8.59
CA GLY A 432 -29.46 -18.74 -7.41
C GLY A 432 -27.94 -18.63 -7.30
N ARG A 433 -27.24 -18.08 -8.29
CA ARG A 433 -25.79 -17.97 -8.18
C ARG A 433 -25.38 -16.82 -7.26
N LEU A 434 -24.28 -17.03 -6.52
CA LEU A 434 -23.75 -16.06 -5.55
C LEU A 434 -23.31 -14.74 -6.20
N VAL A 435 -23.63 -13.62 -5.58
CA VAL A 435 -23.20 -12.34 -6.15
C VAL A 435 -21.90 -11.98 -5.42
N ASN A 436 -20.83 -11.97 -6.20
CA ASN A 436 -19.46 -11.74 -5.74
C ASN A 436 -18.75 -10.50 -6.27
N CYS A 437 -19.05 -10.19 -7.51
CA CYS A 437 -18.43 -9.10 -8.23
C CYS A 437 -19.54 -8.31 -8.89
N VAL A 438 -19.46 -6.99 -8.77
CA VAL A 438 -20.50 -6.12 -9.32
C VAL A 438 -19.95 -4.88 -10.03
N TRP A 439 -20.48 -4.60 -11.22
CA TRP A 439 -20.13 -3.36 -11.92
C TRP A 439 -21.48 -2.69 -11.88
N LYS A 440 -21.56 -1.53 -11.25
CA LYS A 440 -22.83 -0.84 -11.14
C LYS A 440 -22.97 0.40 -12.03
N THR A 441 -24.23 0.74 -12.28
CA THR A 441 -24.60 1.88 -13.06
C THR A 441 -25.08 2.92 -12.04
N TRP A 442 -25.48 2.43 -10.86
CA TRP A 442 -25.97 3.29 -9.78
C TRP A 442 -24.86 4.19 -9.22
N ALA A 443 -25.24 5.34 -8.67
CA ALA A 443 -24.26 6.23 -8.06
C ALA A 443 -24.11 5.82 -6.59
N TRP A 444 -22.89 5.94 -6.05
CA TRP A 444 -22.69 5.57 -4.66
C TRP A 444 -23.53 6.44 -3.74
N GLU A 445 -23.74 7.69 -4.13
CA GLU A 445 -24.54 8.58 -3.29
C GLU A 445 -25.98 8.09 -3.05
N THR A 446 -26.50 7.28 -3.96
CA THR A 446 -27.86 6.75 -3.80
C THR A 446 -27.85 5.80 -2.60
N ALA A 447 -26.78 5.02 -2.46
CA ALA A 447 -26.64 4.09 -1.35
C ALA A 447 -26.37 4.89 -0.11
N PHE A 448 -25.57 5.95 -0.24
CA PHE A 448 -25.26 6.77 0.93
C PHE A 448 -26.58 7.34 1.48
N ASP A 449 -27.50 7.69 0.58
CA ASP A 449 -28.80 8.21 0.99
C ASP A 449 -29.55 7.18 1.85
N GLN A 450 -29.50 5.90 1.48
CA GLN A 450 -30.15 4.85 2.26
C GLN A 450 -29.62 4.86 3.70
N ILE A 451 -28.34 5.17 3.90
CA ILE A 451 -27.78 5.23 5.25
C ILE A 451 -28.32 6.48 5.94
N ARG A 452 -28.28 7.62 5.25
CA ARG A 452 -28.77 8.86 5.81
C ARG A 452 -30.24 8.73 6.23
N GLU A 453 -31.02 7.95 5.47
CA GLU A 453 -32.45 7.75 5.77
C GLU A 453 -32.69 7.23 7.18
N VAL A 454 -31.78 6.42 7.70
CA VAL A 454 -31.90 5.90 9.06
C VAL A 454 -31.60 6.96 10.13
N GLU A 458 -27.79 5.16 16.48
CA GLU A 458 -26.35 5.01 16.09
C GLU A 458 -25.95 3.53 16.03
N PHE A 459 -25.58 3.12 14.82
CA PHE A 459 -25.19 1.74 14.55
C PHE A 459 -23.70 1.51 14.78
N ALA A 460 -23.31 0.25 14.85
CA ALA A 460 -21.90 -0.05 15.07
C ALA A 460 -21.25 -0.43 13.74
N ALA A 461 -22.04 -0.36 12.67
CA ALA A 461 -21.54 -0.72 11.36
C ALA A 461 -22.48 -0.19 10.29
N VAL A 462 -22.08 -0.30 9.03
CA VAL A 462 -22.98 0.11 7.96
C VAL A 462 -24.16 -0.82 8.19
N PRO A 463 -25.34 -0.25 8.43
CA PRO A 463 -26.62 -0.95 8.71
C PRO A 463 -27.24 -1.75 7.56
N ILE A 464 -26.50 -2.70 7.00
CA ILE A 464 -27.00 -3.52 5.91
C ILE A 464 -27.74 -4.75 6.41
N ARG A 465 -28.62 -5.27 5.57
CA ARG A 465 -29.40 -6.45 5.90
C ARG A 465 -28.69 -7.66 5.34
N THR A 466 -28.84 -8.81 6.01
CA THR A 466 -28.29 -10.07 5.54
C THR A 466 -29.39 -11.10 5.76
N GLY A 467 -30.62 -10.63 5.69
CA GLY A 467 -31.80 -11.45 5.88
C GLY A 467 -33.01 -10.55 6.04
N HIS A 468 -34.17 -11.00 5.55
CA HIS A 468 -35.40 -10.22 5.63
C HIS A 468 -36.60 -11.12 5.30
N PRO A 469 -37.76 -10.85 5.93
CA PRO A 469 -39.01 -11.60 5.75
C PRO A 469 -39.39 -11.76 4.27
N GLN A 470 -39.60 -10.61 3.62
CA GLN A 470 -39.98 -10.53 2.21
C GLN A 470 -38.79 -10.80 1.29
N ASN A 471 -37.60 -10.87 1.88
CA ASN A 471 -36.41 -11.09 1.07
C ASN A 471 -36.20 -9.83 0.24
N GLU A 472 -36.38 -8.68 0.88
CA GLU A 472 -36.26 -7.38 0.25
C GLU A 472 -34.83 -6.81 0.34
N VAL A 473 -34.09 -6.91 -0.76
CA VAL A 473 -32.71 -6.43 -0.86
C VAL A 473 -32.59 -4.99 -1.39
N ARG A 474 -32.03 -4.10 -0.58
CA ARG A 474 -31.84 -2.71 -0.97
C ARG A 474 -30.48 -2.55 -1.64
N LEU A 475 -30.29 -1.43 -2.34
CA LEU A 475 -29.01 -1.18 -3.00
C LEU A 475 -27.81 -1.38 -2.05
N ILE A 476 -27.81 -0.71 -0.90
CA ILE A 476 -26.70 -0.86 0.05
C ILE A 476 -26.43 -2.29 0.53
N ASP A 477 -27.47 -3.11 0.55
CA ASP A 477 -27.34 -4.50 0.99
C ASP A 477 -26.42 -5.26 0.03
N VAL A 478 -26.24 -4.72 -1.17
CA VAL A 478 -25.35 -5.35 -2.11
C VAL A 478 -23.98 -4.64 -2.10
N LEU A 479 -23.99 -3.33 -2.39
CA LEU A 479 -22.75 -2.54 -2.49
C LEU A 479 -21.85 -2.43 -1.27
N LEU A 480 -22.42 -2.56 -0.08
CA LEU A 480 -21.60 -2.48 1.11
C LEU A 480 -21.42 -3.83 1.84
N ARG A 481 -21.65 -4.89 1.10
CA ARG A 481 -21.46 -6.24 1.61
C ARG A 481 -19.95 -6.40 1.47
N PRO A 482 -19.25 -6.75 2.56
CA PRO A 482 -17.79 -6.91 2.51
C PRO A 482 -17.27 -7.84 1.42
N GLU A 483 -17.97 -8.94 1.21
CA GLU A 483 -17.54 -9.90 0.22
C GLU A 483 -17.78 -9.47 -1.23
N VAL A 484 -18.57 -8.42 -1.47
CA VAL A 484 -18.85 -8.01 -2.85
C VAL A 484 -17.81 -7.03 -3.37
N LEU A 485 -17.12 -7.42 -4.44
CA LEU A 485 -16.10 -6.57 -5.02
C LEU A 485 -16.78 -5.64 -6.03
N VAL A 486 -16.96 -4.36 -5.67
CA VAL A 486 -17.63 -3.49 -6.61
C VAL A 486 -16.80 -2.47 -7.41
N PHE A 487 -17.25 -2.26 -8.65
CA PHE A 487 -16.65 -1.29 -9.57
C PHE A 487 -17.79 -0.32 -9.93
N GLU A 488 -17.58 1.01 -9.84
CA GLU A 488 -16.30 1.60 -9.44
C GLU A 488 -16.11 1.47 -7.94
N PRO A 489 -14.86 1.34 -7.47
CA PRO A 489 -14.63 1.20 -6.03
C PRO A 489 -15.17 2.40 -5.26
N LEU A 490 -15.39 2.18 -3.97
CA LEU A 490 -15.93 3.18 -3.08
C LEU A 490 -15.19 4.50 -3.06
N TRP A 491 -13.85 4.47 -3.00
CA TRP A 491 -13.05 5.69 -2.94
C TRP A 491 -13.35 6.72 -4.04
N THR A 492 -13.87 6.28 -5.20
CA THR A 492 -14.15 7.21 -6.27
C THR A 492 -15.20 8.27 -5.92
N VAL A 493 -15.92 8.08 -4.81
CA VAL A 493 -16.91 9.10 -4.47
C VAL A 493 -16.19 10.39 -4.07
N ILE A 494 -14.91 10.30 -3.72
CA ILE A 494 -14.20 11.48 -3.29
C ILE A 494 -13.94 12.37 -4.53
N PRO A 495 -13.19 11.87 -5.55
CA PRO A 495 -12.95 12.71 -6.72
C PRO A 495 -14.22 13.11 -7.47
N GLY A 496 -15.30 12.36 -7.25
CA GLY A 496 -16.54 12.68 -7.92
C GLY A 496 -17.41 13.64 -7.11
N ASN A 497 -17.00 13.95 -5.90
CA ASN A 497 -17.75 14.87 -5.07
C ASN A 497 -17.15 16.28 -5.33
N LYS A 498 -17.99 17.28 -5.61
CA LYS A 498 -17.45 18.60 -5.92
C LYS A 498 -16.83 19.35 -4.72
N ALA A 499 -16.87 18.74 -3.54
CA ALA A 499 -16.24 19.31 -2.37
C ALA A 499 -14.71 19.23 -2.58
N ILE A 500 -14.28 18.40 -3.54
CA ILE A 500 -12.86 18.22 -3.86
C ILE A 500 -12.27 19.42 -4.68
N LEU A 501 -13.14 20.25 -5.29
CA LEU A 501 -12.66 21.36 -6.12
C LEU A 501 -11.91 22.45 -5.34
N PRO A 502 -12.41 22.87 -4.18
CA PRO A 502 -11.68 23.89 -3.45
C PRO A 502 -10.37 23.26 -2.95
N ILE A 503 -10.39 21.95 -2.70
CA ILE A 503 -9.21 21.27 -2.18
C ILE A 503 -8.15 21.23 -3.24
N LEU A 504 -8.60 20.94 -4.45
CA LEU A 504 -7.71 20.85 -5.58
C LEU A 504 -7.16 22.25 -5.88
N TRP A 505 -8.01 23.26 -5.76
CA TRP A 505 -7.58 24.63 -6.00
C TRP A 505 -6.56 24.98 -4.92
N SER A 506 -6.83 24.54 -3.69
CA SER A 506 -5.89 24.80 -2.60
C SER A 506 -4.52 24.12 -2.82
N LEU A 507 -4.52 22.93 -3.41
CA LEU A 507 -3.27 22.21 -3.66
C LEU A 507 -2.51 22.71 -4.88
N PHE A 508 -3.21 23.21 -5.89
CA PHE A 508 -2.56 23.66 -7.13
C PHE A 508 -3.13 25.01 -7.54
N PRO A 509 -2.93 26.04 -6.69
CA PRO A 509 -3.37 27.43 -6.86
C PRO A 509 -3.03 27.96 -8.24
N HIS A 510 -4.01 28.53 -8.93
CA HIS A 510 -3.79 29.13 -10.26
C HIS A 510 -3.28 28.17 -11.31
N HIS A 511 -3.51 26.88 -11.08
CA HIS A 511 -3.09 25.91 -12.06
C HIS A 511 -3.82 26.19 -13.36
N ARG A 512 -3.07 25.99 -14.42
CA ARG A 512 -3.46 26.15 -15.81
C ARG A 512 -4.91 25.73 -16.16
N TYR A 513 -5.29 24.54 -15.69
CA TYR A 513 -6.58 23.98 -16.02
C TYR A 513 -7.68 24.16 -15.00
N LEU A 514 -7.32 24.64 -13.82
CA LEU A 514 -8.26 24.80 -12.74
C LEU A 514 -8.97 26.14 -12.66
N LEU A 515 -10.17 26.10 -12.10
CA LEU A 515 -10.98 27.29 -11.90
C LEU A 515 -11.02 27.50 -10.40
N ASP A 516 -10.95 28.77 -9.96
CA ASP A 516 -10.99 29.09 -8.52
C ASP A 516 -12.33 28.59 -7.95
N THR A 517 -12.29 27.76 -6.90
CA THR A 517 -13.52 27.24 -6.33
C THR A 517 -13.41 27.35 -4.83
N ASP A 518 -14.50 27.73 -4.19
CA ASP A 518 -14.51 27.91 -2.74
C ASP A 518 -15.82 27.38 -2.17
N PHE A 519 -15.92 27.37 -0.85
CA PHE A 519 -17.14 26.91 -0.20
C PHE A 519 -18.05 28.10 0.14
N THR A 520 -17.59 29.30 -0.22
CA THR A 520 -18.34 30.52 -0.01
C THR A 520 -18.04 31.42 -1.19
N VAL A 521 -18.83 32.46 -1.36
CA VAL A 521 -18.57 33.41 -2.44
C VAL A 521 -17.55 34.41 -1.92
N ASN A 522 -16.28 34.22 -2.25
CA ASN A 522 -15.26 35.15 -1.78
C ASN A 522 -15.08 36.34 -2.73
N ASP A 523 -14.24 37.27 -2.32
CA ASP A 523 -13.97 38.48 -3.09
C ASP A 523 -13.58 38.29 -4.55
N GLU A 524 -12.71 37.33 -4.84
CA GLU A 524 -12.33 37.11 -6.23
C GLU A 524 -13.50 36.60 -7.07
N LEU A 525 -14.29 35.73 -6.47
CA LEU A 525 -15.43 35.14 -7.13
C LEU A 525 -16.51 36.18 -7.44
N VAL A 526 -16.70 37.14 -6.54
CA VAL A 526 -17.69 38.18 -6.80
C VAL A 526 -17.24 38.97 -8.03
N LYS A 527 -15.93 39.19 -8.18
CA LYS A 527 -15.42 39.94 -9.32
C LYS A 527 -15.56 39.20 -10.66
N THR A 528 -15.38 37.88 -10.65
CA THR A 528 -15.48 37.09 -11.90
C THR A 528 -16.87 36.55 -12.28
N GLY A 529 -17.74 36.36 -11.30
CA GLY A 529 -19.01 35.73 -11.57
C GLY A 529 -18.75 34.29 -11.11
N TYR A 530 -19.76 33.44 -11.01
CA TYR A 530 -19.51 32.07 -10.52
C TYR A 530 -20.68 31.14 -10.67
N ALA A 531 -20.36 29.86 -10.77
CA ALA A 531 -21.39 28.83 -10.84
C ALA A 531 -21.57 28.25 -9.43
N VAL A 532 -22.82 28.09 -9.00
CA VAL A 532 -23.19 27.50 -7.70
C VAL A 532 -23.55 26.04 -8.07
N LYS A 533 -22.87 25.08 -7.47
CA LYS A 533 -23.10 23.66 -7.80
C LYS A 533 -23.17 22.78 -6.58
N PRO A 534 -24.20 21.92 -6.52
CA PRO A 534 -24.27 21.04 -5.34
C PRO A 534 -23.06 20.07 -5.39
N ILE A 535 -22.50 19.71 -4.23
CA ILE A 535 -21.31 18.84 -4.20
C ILE A 535 -21.56 17.41 -4.65
N ALA A 536 -22.77 16.90 -4.45
CA ALA A 536 -23.04 15.53 -4.90
C ALA A 536 -24.11 15.46 -5.98
N GLY A 537 -24.23 16.52 -6.77
CA GLY A 537 -25.22 16.51 -7.83
C GLY A 537 -24.70 15.88 -9.11
N ARG A 538 -25.51 15.89 -10.15
CA ARG A 538 -25.16 15.35 -11.45
C ARG A 538 -26.10 15.90 -12.50
N CYS A 539 -25.75 15.67 -13.75
CA CYS A 539 -26.54 16.04 -14.92
C CYS A 539 -27.02 17.47 -15.08
N GLY A 540 -26.29 18.43 -14.52
CA GLY A 540 -26.72 19.81 -14.67
C GLY A 540 -27.84 20.21 -13.72
N SER A 541 -28.00 19.45 -12.64
CA SER A 541 -29.10 19.75 -11.70
C SER A 541 -28.76 20.80 -10.68
N ASN A 542 -29.75 21.63 -10.36
CA ASN A 542 -29.61 22.72 -9.41
C ASN A 542 -28.35 23.57 -9.59
N ILE A 543 -28.11 24.01 -10.82
CA ILE A 543 -26.96 24.86 -11.15
C ILE A 543 -27.41 26.34 -11.26
N ASP A 544 -26.65 27.24 -10.68
CA ASP A 544 -26.94 28.68 -10.76
C ASP A 544 -25.68 29.36 -11.34
N LEU A 545 -25.82 30.04 -12.47
CA LEU A 545 -24.70 30.77 -13.05
C LEU A 545 -24.96 32.26 -12.81
N VAL A 546 -24.02 32.92 -12.15
CA VAL A 546 -24.15 34.33 -11.81
C VAL A 546 -23.00 35.16 -12.39
N SER A 547 -23.34 36.19 -13.18
CA SER A 547 -22.37 37.10 -13.83
C SER A 547 -21.60 38.02 -12.89
N HIS A 548 -20.56 38.69 -13.39
CA HIS A 548 -19.80 39.61 -12.54
C HIS A 548 -20.69 40.80 -12.25
N HIS A 549 -21.67 41.02 -13.13
CA HIS A 549 -22.63 42.12 -12.96
C HIS A 549 -23.62 41.70 -11.87
N GLU A 550 -23.37 40.55 -11.27
CA GLU A 550 -24.22 40.02 -10.22
C GLU A 550 -25.59 39.61 -10.76
N GLU A 551 -25.64 39.20 -12.02
CA GLU A 551 -26.91 38.77 -12.61
C GLU A 551 -26.96 37.27 -12.84
N VAL A 552 -28.10 36.66 -12.55
CA VAL A 552 -28.29 35.23 -12.76
C VAL A 552 -28.42 35.02 -14.26
N LEU A 553 -27.46 34.31 -14.86
CA LEU A 553 -27.50 34.05 -16.29
C LEU A 553 -28.38 32.83 -16.56
N ASP A 554 -28.43 31.91 -15.60
CA ASP A 554 -29.24 30.69 -15.75
C ASP A 554 -29.36 29.92 -14.43
N LYS A 555 -30.43 29.16 -14.32
CA LYS A 555 -30.72 28.33 -13.16
C LYS A 555 -31.41 27.06 -13.64
N THR A 556 -31.07 25.95 -13.03
CA THR A 556 -31.71 24.68 -13.37
C THR A 556 -32.26 24.14 -12.08
N SER A 557 -33.38 23.44 -12.18
CA SER A 557 -34.01 22.85 -11.01
C SER A 557 -33.43 21.44 -10.86
N GLY A 558 -34.02 20.66 -9.95
CA GLY A 558 -33.55 19.32 -9.72
C GLY A 558 -33.71 18.88 -8.28
N LYS A 559 -33.27 17.65 -8.01
CA LYS A 559 -33.40 17.03 -6.70
C LYS A 559 -32.33 17.29 -5.66
N PHE A 560 -31.32 18.09 -5.96
CA PHE A 560 -30.25 18.29 -4.96
C PHE A 560 -30.19 19.67 -4.36
N ALA A 561 -31.33 20.36 -4.34
CA ALA A 561 -31.38 21.74 -3.84
C ALA A 561 -31.03 21.91 -2.37
N GLU A 562 -31.07 20.83 -1.60
CA GLU A 562 -30.79 20.93 -0.18
C GLU A 562 -29.35 20.66 0.27
N GLN A 563 -28.48 20.19 -0.61
CA GLN A 563 -27.11 19.91 -0.13
C GLN A 563 -26.13 21.10 -0.20
N LYS A 564 -24.98 20.94 0.42
CA LYS A 564 -23.94 21.96 0.39
C LYS A 564 -23.57 22.31 -1.05
N ASN A 565 -23.13 23.54 -1.25
CA ASN A 565 -22.72 24.02 -2.57
C ASN A 565 -21.24 24.36 -2.56
N ILE A 566 -20.68 24.45 -3.76
CA ILE A 566 -19.33 24.95 -3.93
C ILE A 566 -19.58 26.10 -4.91
N TYR A 567 -18.67 27.05 -4.95
CA TYR A 567 -18.82 28.18 -5.86
C TYR A 567 -17.58 28.20 -6.71
N GLN A 568 -17.78 28.06 -8.01
CA GLN A 568 -16.70 28.00 -8.96
C GLN A 568 -16.71 29.19 -9.93
N GLN A 569 -15.52 29.73 -10.17
CA GLN A 569 -15.30 30.86 -11.08
C GLN A 569 -16.02 30.63 -12.40
N LEU A 570 -16.82 31.62 -12.80
CA LEU A 570 -17.57 31.53 -14.05
C LEU A 570 -16.68 31.45 -15.27
N TRP A 571 -16.94 30.46 -16.11
CA TRP A 571 -16.19 30.27 -17.34
C TRP A 571 -17.14 29.56 -18.27
N CYS A 572 -17.93 30.35 -18.99
CA CYS A 572 -18.93 29.84 -19.90
C CYS A 572 -18.45 29.19 -21.18
N LEU A 573 -19.22 28.18 -21.55
CA LEU A 573 -18.98 27.41 -22.74
C LEU A 573 -19.06 28.29 -23.96
N PRO A 574 -18.33 27.95 -25.02
CA PRO A 574 -18.39 28.76 -26.23
C PRO A 574 -19.61 28.33 -27.03
N LYS A 575 -20.16 29.27 -27.78
CA LYS A 575 -21.31 29.03 -28.62
C LYS A 575 -20.78 28.86 -30.06
N VAL A 576 -21.02 27.70 -30.67
CA VAL A 576 -20.55 27.43 -32.02
C VAL A 576 -21.69 26.88 -32.83
N ASP A 577 -21.98 27.55 -33.94
CA ASP A 577 -23.06 27.16 -34.83
C ASP A 577 -24.42 27.01 -34.15
N GLY A 578 -24.75 27.94 -33.25
CA GLY A 578 -26.02 27.89 -32.57
C GLY A 578 -26.07 27.18 -31.22
N LYS A 579 -25.01 26.47 -30.84
CA LYS A 579 -25.04 25.74 -29.56
C LYS A 579 -23.83 25.89 -28.66
N TYR A 580 -24.04 25.82 -27.36
CA TYR A 580 -22.94 25.87 -26.41
C TYR A 580 -22.35 24.46 -26.48
N ILE A 581 -21.04 24.37 -26.65
CA ILE A 581 -20.40 23.09 -26.79
C ILE A 581 -19.38 22.81 -25.71
N GLN A 582 -19.57 21.66 -25.07
CA GLN A 582 -18.71 21.21 -24.00
C GLN A 582 -17.88 20.04 -24.49
N VAL A 583 -16.62 20.01 -24.05
CA VAL A 583 -15.72 18.94 -24.39
C VAL A 583 -15.59 17.97 -23.21
N CYS A 584 -15.77 16.69 -23.47
CA CYS A 584 -15.65 15.66 -22.43
C CYS A 584 -14.59 14.64 -22.83
N THR A 585 -13.85 14.16 -21.87
CA THR A 585 -12.88 13.14 -22.19
C THR A 585 -13.10 12.02 -21.19
N PHE A 586 -12.86 10.81 -21.68
CA PHE A 586 -12.99 9.63 -20.86
C PHE A 586 -11.66 9.25 -20.29
N THR A 587 -11.71 8.66 -19.11
CA THR A 587 -10.51 8.15 -18.52
C THR A 587 -10.82 6.65 -18.42
N VAL A 588 -9.84 5.83 -18.72
CA VAL A 588 -10.01 4.39 -18.69
C VAL A 588 -8.75 3.84 -18.09
N GLY A 589 -8.84 3.37 -16.86
CA GLY A 589 -7.67 2.83 -16.20
C GLY A 589 -6.72 3.93 -15.77
N GLY A 590 -7.22 5.15 -15.66
CA GLY A 590 -6.35 6.26 -15.26
C GLY A 590 -5.76 7.07 -16.41
N ASN A 591 -5.98 6.69 -17.66
CA ASN A 591 -5.44 7.47 -18.78
C ASN A 591 -6.50 7.83 -19.79
N TYR A 592 -6.17 8.81 -20.62
CA TYR A 592 -7.08 9.26 -21.66
C TYR A 592 -7.57 8.10 -22.48
N GLY A 593 -8.88 8.05 -22.72
CA GLY A 593 -9.43 6.97 -23.54
C GLY A 593 -10.34 7.47 -24.67
N GLY A 594 -10.46 8.79 -24.79
CA GLY A 594 -11.28 9.31 -25.86
C GLY A 594 -11.89 10.65 -25.55
N THR A 595 -12.49 11.26 -26.57
CA THR A 595 -13.13 12.56 -26.42
C THR A 595 -14.50 12.57 -27.11
N CYS A 596 -15.42 13.37 -26.58
CA CYS A 596 -16.73 13.51 -27.19
C CYS A 596 -17.25 14.92 -26.87
N LEU A 597 -18.25 15.36 -27.63
CA LEU A 597 -18.86 16.67 -27.45
C LEU A 597 -20.31 16.57 -27.00
N ARG A 598 -20.75 17.56 -26.24
CA ARG A 598 -22.12 17.67 -25.78
C ARG A 598 -22.51 19.11 -26.11
N GLY A 599 -23.73 19.32 -26.60
CA GLY A 599 -24.16 20.65 -26.94
C GLY A 599 -25.56 20.96 -26.43
N ASP A 600 -25.80 22.21 -26.03
CA ASP A 600 -27.11 22.63 -25.53
C ASP A 600 -27.47 24.04 -26.04
N GLU A 601 -28.75 24.42 -25.95
CA GLU A 601 -29.20 25.74 -26.38
C GLU A 601 -28.90 26.68 -25.25
N SER A 602 -28.64 26.11 -24.07
CA SER A 602 -28.34 26.91 -22.88
C SER A 602 -26.90 26.69 -22.41
N LEU A 603 -26.47 27.53 -21.48
CA LEU A 603 -25.12 27.46 -20.90
C LEU A 603 -24.83 26.23 -20.02
N VAL A 604 -25.88 25.57 -19.57
CA VAL A 604 -25.78 24.39 -18.69
C VAL A 604 -26.09 23.09 -19.42
N ILE A 605 -25.09 22.23 -19.57
CA ILE A 605 -25.27 20.93 -20.20
C ILE A 605 -26.09 20.07 -19.24
N LYS A 606 -27.04 19.31 -19.77
CA LYS A 606 -27.91 18.45 -18.97
C LYS A 606 -27.96 17.04 -19.56
N LYS A 607 -28.49 16.11 -18.76
CA LYS A 607 -28.61 14.73 -19.18
C LYS A 607 -29.23 14.64 -20.57
N GLU A 608 -30.15 15.56 -20.88
CA GLU A 608 -30.83 15.59 -22.16
C GLU A 608 -30.16 16.38 -23.28
N SER A 609 -28.98 16.94 -23.01
CA SER A 609 -28.24 17.68 -24.04
C SER A 609 -27.82 16.65 -25.07
N ASP A 610 -27.70 16.99 -26.33
CA ASP A 610 -27.32 15.93 -27.23
C ASP A 610 -25.82 15.74 -27.42
N ILE A 611 -25.49 14.66 -28.13
CA ILE A 611 -24.14 14.31 -28.46
C ILE A 611 -23.96 14.86 -29.85
N GLU A 612 -22.83 15.49 -30.08
CA GLU A 612 -22.53 16.09 -31.38
C GLU A 612 -21.36 15.37 -32.02
N PRO A 613 -21.50 15.00 -33.30
CA PRO A 613 -20.40 14.31 -33.98
C PRO A 613 -19.15 15.19 -33.88
N LEU A 614 -18.03 14.57 -33.55
CA LEU A 614 -16.77 15.26 -33.44
C LEU A 614 -15.71 14.58 -34.28
N ILE A 615 -14.96 15.36 -35.03
CA ILE A 615 -13.88 14.78 -35.80
C ILE A 615 -12.60 15.51 -35.52
N VAL A 616 -11.55 14.73 -35.26
CA VAL A 616 -10.23 15.30 -35.01
C VAL A 616 -9.60 15.37 -36.37
N VAL A 617 -9.09 16.55 -36.67
CA VAL A 617 -8.53 16.86 -37.96
C VAL A 617 -7.06 17.30 -37.85
N LYS A 618 -6.25 16.78 -38.75
CA LYS A 618 -4.83 17.12 -38.77
C LYS A 618 -4.55 18.10 -39.90
N ALA B 10 -23.71 -26.77 13.86
CA ALA B 10 -23.11 -27.00 12.51
C ALA B 10 -21.65 -27.41 12.68
N PRO B 11 -21.08 -28.07 11.66
CA PRO B 11 -19.67 -28.52 11.70
C PRO B 11 -18.66 -27.38 11.83
N PHE B 12 -17.40 -27.68 11.57
CA PHE B 12 -16.35 -26.67 11.66
C PHE B 12 -16.37 -25.80 10.42
N GLY B 13 -16.41 -24.49 10.63
CA GLY B 13 -16.37 -23.56 9.52
C GLY B 13 -17.64 -23.29 8.77
N THR B 14 -18.77 -23.81 9.23
CA THR B 14 -20.01 -23.53 8.53
C THR B 14 -20.49 -22.16 8.96
N LEU B 15 -21.06 -21.43 8.00
CA LEU B 15 -21.56 -20.08 8.20
C LEU B 15 -22.85 -20.14 9.03
N LEU B 16 -22.84 -19.46 10.17
CA LEU B 16 -24.01 -19.45 11.05
C LEU B 16 -24.82 -18.16 10.92
N GLY B 17 -24.13 -17.06 10.62
CA GLY B 17 -24.79 -15.78 10.47
C GLY B 17 -23.80 -14.63 10.23
N TYR B 18 -24.28 -13.41 10.44
CA TYR B 18 -23.45 -12.24 10.25
C TYR B 18 -23.66 -11.23 11.33
N ALA B 19 -22.57 -10.57 11.74
CA ALA B 19 -22.67 -9.52 12.75
C ALA B 19 -22.89 -8.24 11.92
N PRO B 20 -23.27 -7.13 12.57
CA PRO B 20 -23.53 -5.86 11.87
C PRO B 20 -22.43 -5.52 10.87
N GLY B 21 -22.87 -5.01 9.72
CA GLY B 21 -21.95 -4.64 8.66
C GLY B 21 -21.63 -5.82 7.77
N GLY B 22 -22.15 -7.00 8.11
CA GLY B 22 -21.88 -8.15 7.27
C GLY B 22 -20.58 -8.87 7.55
N VAL B 23 -20.28 -9.13 8.82
CA VAL B 23 -19.07 -9.83 9.23
C VAL B 23 -19.52 -11.22 9.63
N ALA B 24 -19.06 -12.23 8.88
CA ALA B 24 -19.46 -13.60 9.13
C ALA B 24 -19.08 -14.18 10.47
N ILE B 25 -19.92 -15.09 10.95
CA ILE B 25 -19.69 -15.79 12.19
C ILE B 25 -19.68 -17.26 11.81
N TYR B 26 -18.55 -17.90 12.02
CA TYR B 26 -18.42 -19.32 11.70
C TYR B 26 -18.39 -20.20 12.94
N SER B 27 -18.79 -21.45 12.77
CA SER B 27 -18.77 -22.43 13.85
C SER B 27 -17.33 -22.89 14.02
N SER B 28 -16.90 -23.11 15.25
CA SER B 28 -15.53 -23.57 15.48
C SER B 28 -15.54 -24.91 16.22
N ASP B 41 -0.70 -27.09 10.33
CA ASP B 41 -1.01 -26.21 11.49
C ASP B 41 -1.42 -24.79 11.06
N ALA B 42 -0.81 -24.30 9.97
CA ALA B 42 -1.12 -22.96 9.50
C ALA B 42 -2.26 -22.86 8.48
N VAL B 43 -3.02 -23.94 8.32
CA VAL B 43 -4.17 -23.90 7.39
C VAL B 43 -5.32 -23.22 8.16
N PHE B 44 -5.11 -23.05 9.45
CA PHE B 44 -6.09 -22.43 10.32
C PHE B 44 -5.91 -20.93 10.40
N ARG B 45 -4.84 -20.41 9.82
CA ARG B 45 -4.62 -18.96 9.85
C ARG B 45 -5.72 -18.32 9.02
N SER B 46 -6.29 -17.25 9.53
CA SER B 46 -7.35 -16.55 8.82
C SER B 46 -6.80 -15.17 8.48
N TYR B 47 -6.77 -14.84 7.19
CA TYR B 47 -6.27 -13.55 6.71
C TYR B 47 -7.30 -12.82 5.86
N ILE B 48 -7.12 -11.52 5.75
CA ILE B 48 -7.93 -10.68 4.88
C ILE B 48 -6.81 -9.92 4.18
N ASP B 49 -6.59 -10.20 2.89
CA ASP B 49 -5.48 -9.60 2.16
C ASP B 49 -4.27 -10.18 2.89
N ASP B 50 -3.32 -9.35 3.33
CA ASP B 50 -2.21 -9.92 4.07
C ASP B 50 -2.20 -9.49 5.54
N GLU B 51 -3.40 -9.20 6.05
CA GLU B 51 -3.57 -8.81 7.44
C GLU B 51 -4.12 -10.04 8.18
N TYR B 52 -3.37 -10.49 9.17
CA TYR B 52 -3.72 -11.66 9.99
C TYR B 52 -4.86 -11.32 10.94
N MET B 53 -5.92 -12.13 10.87
CA MET B 53 -7.11 -11.93 11.69
C MET B 53 -7.08 -12.83 12.92
N GLY B 54 -6.52 -14.02 12.75
CA GLY B 54 -6.44 -14.94 13.85
C GLY B 54 -6.60 -16.37 13.41
N HIS B 55 -6.86 -17.22 14.39
CA HIS B 55 -7.00 -18.65 14.23
C HIS B 55 -8.48 -19.03 14.10
N LYS B 56 -8.83 -19.64 12.97
CA LYS B 56 -10.19 -20.09 12.73
C LYS B 56 -10.55 -21.11 13.82
N TRP B 57 -11.71 -20.96 14.46
CA TRP B 57 -12.61 -19.82 14.29
C TRP B 57 -12.87 -19.37 15.72
N GLN B 58 -11.79 -18.95 16.36
CA GLN B 58 -11.81 -18.52 17.75
C GLN B 58 -12.48 -17.15 17.97
N CYS B 59 -12.72 -16.84 19.24
CA CYS B 59 -13.38 -15.60 19.58
C CYS B 59 -12.54 -14.37 19.16
N VAL B 60 -11.22 -14.43 19.35
CA VAL B 60 -10.31 -13.33 19.00
C VAL B 60 -10.35 -13.04 17.50
N GLU B 61 -10.35 -14.10 16.69
CA GLU B 61 -10.39 -13.97 15.24
C GLU B 61 -11.63 -13.18 14.82
N PHE B 62 -12.77 -13.42 15.49
CA PHE B 62 -13.96 -12.69 15.11
C PHE B 62 -13.88 -11.21 15.48
N ALA B 63 -13.47 -10.94 16.71
CA ALA B 63 -13.33 -9.59 17.22
C ALA B 63 -12.39 -8.74 16.37
N ARG B 64 -11.23 -9.31 16.01
CA ARG B 64 -10.26 -8.58 15.21
C ARG B 64 -10.77 -8.35 13.79
N ARG B 65 -11.46 -9.35 13.23
CA ARG B 65 -12.02 -9.24 11.88
C ARG B 65 -13.13 -8.18 11.89
N PHE B 66 -13.96 -8.18 12.94
CA PHE B 66 -15.04 -7.20 13.04
C PHE B 66 -14.47 -5.79 13.03
N LEU B 67 -13.49 -5.54 13.89
CA LEU B 67 -12.85 -4.23 14.00
C LEU B 67 -12.14 -3.89 12.69
N PHE B 68 -11.51 -4.87 12.06
CA PHE B 68 -10.80 -4.62 10.81
C PHE B 68 -11.73 -4.22 9.67
N LEU B 69 -12.75 -5.03 9.42
CA LEU B 69 -13.69 -4.75 8.34
C LEU B 69 -14.59 -3.51 8.54
N ASN B 70 -14.98 -3.22 9.77
CA ASN B 70 -15.83 -2.07 9.97
C ASN B 70 -15.11 -0.77 10.36
N TYR B 71 -14.00 -0.85 11.08
CA TYR B 71 -13.30 0.38 11.50
C TYR B 71 -11.85 0.47 11.08
N GLY B 72 -11.40 -0.50 10.31
CA GLY B 72 -10.01 -0.44 9.87
C GLY B 72 -8.93 -0.44 10.95
N VAL B 73 -9.22 -1.01 12.11
CA VAL B 73 -8.22 -1.08 13.18
C VAL B 73 -8.06 -2.51 13.66
N VAL B 74 -6.99 -2.78 14.40
CA VAL B 74 -6.77 -4.12 14.95
C VAL B 74 -6.02 -3.99 16.25
N PHE B 75 -6.12 -5.03 17.06
CA PHE B 75 -5.39 -5.07 18.30
C PHE B 75 -4.30 -6.12 18.08
N THR B 76 -3.22 -5.95 18.82
CA THR B 76 -2.04 -6.78 18.78
C THR B 76 -2.30 -8.26 19.17
N ASP B 77 -1.45 -9.15 18.67
CA ASP B 77 -1.51 -10.58 18.94
C ASP B 77 -1.49 -10.81 20.45
N VAL B 78 -2.34 -11.73 20.91
CA VAL B 78 -2.42 -12.09 22.31
C VAL B 78 -2.47 -13.61 22.40
N GLY B 79 -2.02 -14.15 23.53
CA GLY B 79 -2.06 -15.60 23.71
C GLY B 79 -3.50 -16.01 23.99
N MET B 80 -4.12 -15.32 24.96
CA MET B 80 -5.50 -15.60 25.36
C MET B 80 -6.37 -14.31 25.37
N ALA B 81 -7.64 -14.47 25.03
CA ALA B 81 -8.57 -13.38 24.99
C ALA B 81 -8.58 -12.44 26.21
N TRP B 82 -8.54 -12.99 27.43
CA TRP B 82 -8.57 -12.12 28.60
C TRP B 82 -7.46 -11.05 28.65
N GLU B 83 -6.37 -11.31 27.94
CA GLU B 83 -5.24 -10.36 27.91
C GLU B 83 -5.56 -9.09 27.13
N ILE B 84 -6.59 -9.17 26.30
CA ILE B 84 -6.97 -8.00 25.52
C ILE B 84 -7.28 -6.84 26.47
N PHE B 85 -7.93 -7.13 27.61
CA PHE B 85 -8.32 -6.08 28.55
C PHE B 85 -7.14 -5.23 29.06
N SER B 86 -5.93 -5.78 28.97
CA SER B 86 -4.72 -5.08 29.38
C SER B 86 -4.13 -4.15 28.31
N LEU B 87 -4.61 -4.26 27.08
CA LEU B 87 -4.09 -3.42 26.00
C LEU B 87 -4.60 -2.00 26.10
N ARG B 88 -3.74 -1.08 25.66
CA ARG B 88 -4.08 0.33 25.68
C ARG B 88 -3.91 1.03 24.33
N PHE B 89 -3.85 0.27 23.25
CA PHE B 89 -3.74 0.86 21.92
C PHE B 89 -4.28 -0.06 20.83
N LEU B 90 -4.56 0.54 19.68
CA LEU B 90 -5.04 -0.18 18.52
C LEU B 90 -4.18 0.31 17.36
N ARG B 91 -4.00 -0.53 16.36
CA ARG B 91 -3.25 -0.15 15.18
C ARG B 91 -4.22 0.17 14.02
N GLU B 92 -4.13 1.37 13.46
CA GLU B 92 -4.98 1.74 12.33
C GLU B 92 -4.24 1.22 11.10
N VAL B 93 -4.75 0.14 10.52
CA VAL B 93 -4.11 -0.54 9.37
C VAL B 93 -3.73 0.24 8.11
N VAL B 94 -4.43 1.30 7.76
CA VAL B 94 -4.07 2.00 6.53
C VAL B 94 -2.80 2.83 6.57
N ASN B 95 -2.48 3.41 7.72
CA ASN B 95 -1.28 4.23 7.81
C ASN B 95 -0.31 3.79 8.91
N ASP B 96 -0.57 2.63 9.50
CA ASP B 96 0.27 2.10 10.57
C ASP B 96 0.26 2.96 11.83
N ASN B 97 -0.72 3.86 11.91
CA ASN B 97 -0.90 4.75 13.07
C ASN B 97 -1.28 3.94 14.33
N ILE B 98 -1.10 4.55 15.50
CA ILE B 98 -1.42 3.86 16.75
C ILE B 98 -2.40 4.71 17.53
N LEU B 99 -3.56 4.14 17.83
CA LEU B 99 -4.65 4.84 18.52
C LEU B 99 -4.83 4.46 20.01
N PRO B 100 -5.34 5.39 20.84
CA PRO B 100 -5.54 5.06 22.25
C PRO B 100 -6.77 4.16 22.44
N LEU B 101 -6.67 3.23 23.37
CA LEU B 101 -7.77 2.34 23.67
C LEU B 101 -7.92 2.34 25.19
N GLN B 102 -9.13 2.65 25.69
CA GLN B 102 -9.33 2.70 27.14
C GLN B 102 -10.14 1.49 27.63
N ALA B 103 -9.92 1.14 28.89
CA ALA B 103 -10.61 0.00 29.51
C ALA B 103 -11.53 0.46 30.62
N PHE B 104 -12.72 -0.11 30.69
CA PHE B 104 -13.69 0.24 31.74
C PHE B 104 -14.21 -1.02 32.41
N PRO B 105 -14.23 -1.04 33.74
CA PRO B 105 -14.68 -2.20 34.51
C PRO B 105 -16.20 -2.35 34.52
N ASN B 106 -16.64 -3.61 34.57
CA ASN B 106 -18.05 -3.91 34.62
C ASN B 106 -18.52 -3.16 35.86
N GLY B 107 -19.55 -2.35 35.72
CA GLY B 107 -20.06 -1.57 36.84
C GLY B 107 -19.67 -0.10 36.70
N SER B 108 -19.20 0.26 35.53
CA SER B 108 -18.74 1.60 35.20
C SER B 108 -19.77 2.67 34.83
N PRO B 109 -19.46 3.95 35.13
CA PRO B 109 -20.34 5.09 34.84
C PRO B 109 -20.28 5.31 33.33
N ARG B 110 -19.19 4.83 32.71
CA ARG B 110 -18.97 4.91 31.27
C ARG B 110 -19.79 3.80 30.60
N ALA B 111 -20.85 4.17 29.90
CA ALA B 111 -21.69 3.18 29.25
C ALA B 111 -20.98 2.36 28.16
N PRO B 112 -21.39 1.09 27.99
CA PRO B 112 -20.84 0.17 26.99
C PRO B 112 -21.56 0.41 25.65
N VAL B 113 -20.95 1.23 24.80
CA VAL B 113 -21.51 1.58 23.49
C VAL B 113 -21.37 0.51 22.39
N ALA B 114 -22.22 0.62 21.38
CA ALA B 114 -22.17 -0.32 20.27
C ALA B 114 -20.78 -0.23 19.65
N GLY B 115 -20.24 -1.39 19.27
CA GLY B 115 -18.91 -1.40 18.69
C GLY B 115 -17.80 -1.68 19.69
N ALA B 116 -18.07 -1.55 20.98
CA ALA B 116 -17.03 -1.78 21.99
C ALA B 116 -16.62 -3.26 22.17
N LEU B 117 -15.40 -3.46 22.61
CA LEU B 117 -14.91 -4.81 22.87
C LEU B 117 -15.38 -5.18 24.29
N LEU B 118 -15.89 -6.39 24.45
CA LEU B 118 -16.34 -6.88 25.74
C LEU B 118 -15.42 -8.04 26.10
N ILE B 119 -14.73 -7.93 27.23
CA ILE B 119 -13.76 -8.94 27.64
C ILE B 119 -14.14 -9.65 28.91
N TRP B 120 -13.95 -10.97 28.91
CA TRP B 120 -14.19 -11.87 30.02
C TRP B 120 -12.82 -12.33 30.52
N ASP B 121 -12.70 -12.43 31.83
CA ASP B 121 -11.47 -12.92 32.41
C ASP B 121 -11.47 -14.47 32.25
N LYS B 122 -10.32 -15.09 32.47
CA LYS B 122 -10.26 -16.54 32.37
C LYS B 122 -11.06 -17.05 33.57
N GLY B 123 -11.68 -18.21 33.40
CA GLY B 123 -12.46 -18.79 34.48
C GLY B 123 -13.84 -19.32 34.12
N GLY B 124 -14.19 -20.44 34.74
CA GLY B 124 -15.48 -21.08 34.54
C GLY B 124 -15.73 -21.61 33.16
N GLU B 125 -16.79 -21.12 32.53
CA GLU B 125 -17.15 -21.51 31.16
C GLU B 125 -15.97 -21.19 30.22
N PHE B 126 -15.26 -20.09 30.52
CA PHE B 126 -14.11 -19.64 29.74
C PHE B 126 -12.82 -19.91 30.52
N LYS B 127 -12.76 -21.12 31.09
CA LYS B 127 -11.64 -21.60 31.90
C LYS B 127 -10.27 -20.88 31.81
N ASP B 128 -9.42 -21.33 30.89
CA ASP B 128 -8.08 -20.76 30.78
C ASP B 128 -7.96 -19.58 29.80
N THR B 129 -8.86 -19.58 28.82
CA THR B 129 -8.89 -18.60 27.75
C THR B 129 -9.49 -17.23 27.99
N GLY B 130 -10.55 -17.16 28.77
CA GLY B 130 -11.22 -15.89 28.95
C GLY B 130 -12.01 -15.82 27.64
N HIS B 131 -12.55 -14.67 27.27
CA HIS B 131 -13.33 -14.60 26.05
C HIS B 131 -13.49 -13.14 25.59
N VAL B 132 -13.87 -12.97 24.34
CA VAL B 132 -14.07 -11.64 23.78
C VAL B 132 -15.23 -11.61 22.82
N ALA B 133 -16.07 -10.59 22.96
CA ALA B 133 -17.20 -10.39 22.08
C ALA B 133 -17.29 -8.90 21.70
N ILE B 134 -18.16 -8.61 20.74
CA ILE B 134 -18.40 -7.24 20.31
C ILE B 134 -19.82 -6.86 20.76
N ILE B 135 -19.96 -5.69 21.36
CA ILE B 135 -21.28 -5.21 21.73
C ILE B 135 -21.90 -4.62 20.45
N THR B 136 -23.05 -5.12 20.01
CA THR B 136 -23.69 -4.61 18.79
C THR B 136 -24.77 -3.57 19.04
N GLN B 137 -25.47 -3.70 20.15
CA GLN B 137 -26.52 -2.74 20.50
C GLN B 137 -26.78 -2.61 21.98
N LEU B 138 -26.98 -1.37 22.40
CA LEU B 138 -27.25 -1.06 23.77
C LEU B 138 -28.73 -0.70 23.89
N HIS B 139 -29.39 -1.22 24.92
CA HIS B 139 -30.79 -0.92 25.17
C HIS B 139 -30.90 -0.26 26.54
N GLY B 140 -32.09 -0.29 27.11
CA GLY B 140 -32.29 0.32 28.42
C GLY B 140 -31.98 -0.63 29.55
N ASN B 141 -32.24 -1.92 29.31
CA ASN B 141 -32.00 -2.92 30.34
C ASN B 141 -31.28 -4.17 29.81
N LYS B 142 -30.66 -4.06 28.65
CA LYS B 142 -29.94 -5.19 28.07
C LYS B 142 -28.96 -4.70 27.04
N VAL B 143 -28.19 -5.64 26.51
CA VAL B 143 -27.22 -5.34 25.47
C VAL B 143 -27.15 -6.58 24.60
N ARG B 144 -26.98 -6.39 23.30
CA ARG B 144 -26.81 -7.51 22.39
C ARG B 144 -25.34 -7.51 21.93
N ILE B 145 -24.78 -8.71 21.83
CA ILE B 145 -23.38 -8.85 21.47
C ILE B 145 -23.23 -9.91 20.37
N ALA B 146 -22.11 -9.85 19.65
CA ALA B 146 -21.82 -10.81 18.57
C ALA B 146 -20.48 -11.43 18.97
N GLU B 147 -20.25 -12.70 18.62
CA GLU B 147 -19.01 -13.38 19.03
C GLU B 147 -18.90 -14.71 18.33
N GLN B 148 -17.73 -15.32 18.44
CA GLN B 148 -17.45 -16.61 17.85
C GLN B 148 -17.00 -17.57 18.94
N ASN B 149 -17.27 -18.85 18.73
CA ASN B 149 -16.89 -19.89 19.66
C ASN B 149 -17.69 -19.96 20.96
N VAL B 150 -18.99 -19.69 20.87
CA VAL B 150 -19.89 -19.80 22.00
C VAL B 150 -21.11 -20.49 21.40
N ILE B 151 -21.73 -19.81 20.44
CA ILE B 151 -22.87 -20.33 19.70
C ILE B 151 -22.29 -21.15 18.54
N HIS B 152 -22.82 -22.34 18.29
CA HIS B 152 -22.28 -23.12 17.19
C HIS B 152 -23.36 -23.54 16.20
N SER B 153 -24.57 -23.00 16.40
CA SER B 153 -25.72 -23.31 15.55
C SER B 153 -26.18 -22.12 14.70
N PRO B 154 -26.77 -22.39 13.54
CA PRO B 154 -27.26 -21.33 12.66
C PRO B 154 -28.21 -20.38 13.38
N LEU B 155 -27.98 -19.08 13.21
CA LEU B 155 -28.82 -18.08 13.85
C LEU B 155 -30.00 -17.84 12.94
N PRO B 156 -31.12 -17.37 13.49
CA PRO B 156 -32.30 -17.11 12.66
C PRO B 156 -32.10 -16.00 11.63
N GLN B 157 -32.91 -16.08 10.58
CA GLN B 157 -32.88 -15.14 9.45
C GLN B 157 -32.57 -13.70 9.82
N GLY B 158 -31.44 -13.22 9.31
CA GLY B 158 -31.05 -11.84 9.53
C GLY B 158 -30.71 -11.36 10.92
N GLN B 159 -30.79 -12.23 11.93
CA GLN B 159 -30.44 -11.80 13.29
C GLN B 159 -28.92 -11.60 13.37
N GLN B 160 -28.50 -10.39 13.69
CA GLN B 160 -27.07 -10.04 13.74
C GLN B 160 -26.45 -9.93 15.14
N TRP B 161 -26.85 -10.81 16.03
CA TRP B 161 -26.30 -10.84 17.39
C TRP B 161 -26.39 -12.31 17.80
N THR B 162 -25.51 -12.74 18.69
CA THR B 162 -25.49 -14.12 19.14
C THR B 162 -26.12 -14.31 20.51
N ARG B 163 -26.00 -13.30 21.38
CA ARG B 163 -26.53 -13.35 22.74
C ARG B 163 -26.93 -11.98 23.27
N GLU B 164 -27.86 -11.98 24.23
CA GLU B 164 -28.32 -10.76 24.88
C GLU B 164 -27.90 -10.91 26.32
N LEU B 165 -27.36 -9.86 26.90
CA LEU B 165 -26.98 -9.90 28.31
C LEU B 165 -27.77 -8.80 29.00
N GLU B 166 -28.30 -9.10 30.18
CA GLU B 166 -29.05 -8.10 30.92
C GLU B 166 -28.09 -7.05 31.43
N MET B 167 -28.56 -5.80 31.44
CA MET B 167 -27.75 -4.70 31.92
C MET B 167 -28.52 -3.97 33.01
N VAL B 168 -27.83 -3.65 34.10
CA VAL B 168 -28.45 -2.93 35.20
C VAL B 168 -27.85 -1.55 35.27
N VAL B 169 -28.69 -0.54 35.07
CA VAL B 169 -28.26 0.85 35.14
C VAL B 169 -28.82 1.38 36.44
N GLU B 170 -27.94 1.71 37.38
CA GLU B 170 -28.37 2.22 38.67
C GLU B 170 -27.38 3.21 39.23
N ASN B 171 -27.88 4.39 39.58
CA ASN B 171 -27.07 5.45 40.13
C ASN B 171 -26.05 5.85 39.06
N GLY B 172 -26.49 5.76 37.81
CA GLY B 172 -25.64 6.10 36.68
C GLY B 172 -24.59 5.09 36.24
N CYS B 173 -24.39 4.02 37.02
CA CYS B 173 -23.40 2.99 36.69
C CYS B 173 -24.01 1.83 35.92
N TYR B 174 -23.26 1.34 34.94
CA TYR B 174 -23.74 0.24 34.12
C TYR B 174 -23.08 -1.08 34.46
N THR B 175 -23.88 -2.11 34.72
CA THR B 175 -23.34 -3.42 35.05
C THR B 175 -24.00 -4.48 34.18
N LEU B 176 -23.17 -5.33 33.59
CA LEU B 176 -23.67 -6.40 32.75
C LEU B 176 -23.65 -7.72 33.53
N LYS B 177 -24.65 -8.54 33.25
CA LYS B 177 -24.73 -9.82 33.92
C LYS B 177 -24.66 -10.79 32.75
N ASP B 178 -23.80 -11.79 32.87
CA ASP B 178 -23.59 -12.78 31.81
C ASP B 178 -24.64 -13.90 31.85
N THR B 179 -24.73 -14.67 30.77
CA THR B 179 -25.68 -15.79 30.71
C THR B 179 -25.14 -17.05 31.43
N PHE B 180 -23.84 -17.10 31.71
CA PHE B 180 -23.30 -18.25 32.41
C PHE B 180 -23.21 -17.87 33.88
N ASP B 181 -23.39 -18.86 34.77
CA ASP B 181 -23.37 -18.65 36.21
C ASP B 181 -21.99 -18.65 36.85
N ASP B 182 -20.95 -18.97 36.08
CA ASP B 182 -19.60 -19.06 36.64
C ASP B 182 -18.50 -18.31 35.89
N THR B 183 -18.86 -17.24 35.19
CA THR B 183 -17.90 -16.47 34.42
C THR B 183 -17.64 -15.12 35.07
N THR B 184 -16.63 -14.42 34.59
CA THR B 184 -16.29 -13.12 35.13
C THR B 184 -16.07 -12.12 33.99
N ILE B 185 -16.94 -11.12 33.87
CA ILE B 185 -16.82 -10.08 32.85
C ILE B 185 -15.86 -9.01 33.34
N LEU B 186 -14.75 -8.78 32.64
CA LEU B 186 -13.81 -7.76 33.10
C LEU B 186 -14.34 -6.34 32.84
N GLY B 187 -14.88 -6.14 31.63
CA GLY B 187 -15.37 -4.83 31.26
C GLY B 187 -15.33 -4.64 29.75
N TRP B 188 -15.43 -3.38 29.32
CA TRP B 188 -15.45 -3.07 27.92
C TRP B 188 -14.36 -2.10 27.57
N MET B 189 -14.06 -2.00 26.27
CA MET B 189 -12.99 -1.15 25.81
C MET B 189 -13.43 -0.24 24.69
N ILE B 190 -13.06 1.02 24.82
CA ILE B 190 -13.44 2.00 23.82
C ILE B 190 -12.21 2.73 23.29
N GLN B 191 -12.18 2.94 21.97
CA GLN B 191 -11.11 3.66 21.31
C GLN B 191 -11.41 5.16 21.47
N THR B 192 -10.76 5.79 22.45
CA THR B 192 -10.97 7.20 22.72
C THR B 192 -9.82 7.80 23.54
N GLU B 193 -9.73 9.12 23.52
CA GLU B 193 -8.70 9.83 24.28
C GLU B 193 -9.22 10.18 25.64
N ASP B 194 -10.55 10.24 25.78
CA ASP B 194 -11.13 10.57 27.08
C ASP B 194 -10.80 9.45 28.06
N THR B 195 -9.94 9.76 29.03
CA THR B 195 -9.52 8.80 30.03
C THR B 195 -10.49 8.72 31.21
N GLU B 196 -11.44 9.65 31.29
CA GLU B 196 -12.39 9.68 32.40
C GLU B 196 -13.09 8.35 32.65
N TYR B 197 -13.09 7.93 33.92
CA TYR B 197 -13.71 6.66 34.33
C TYR B 197 -12.85 5.43 33.92
N SER B 198 -11.79 5.64 33.16
CA SER B 198 -10.96 4.52 32.69
C SER B 198 -9.95 3.99 33.71
N LEU B 199 -9.52 2.74 33.54
CA LEU B 199 -8.52 2.22 34.46
C LEU B 199 -7.10 2.32 33.93
N PRO B 200 -6.12 2.52 34.84
CA PRO B 200 -4.72 2.63 34.41
C PRO B 200 -4.19 1.33 33.81
N GLN B 201 -3.14 1.41 32.98
CA GLN B 201 -2.59 0.20 32.37
C GLN B 201 -2.10 -0.74 33.46
N PRO B 202 -2.42 -2.04 33.36
CA PRO B 202 -1.98 -2.97 34.39
C PRO B 202 -0.45 -3.12 34.38
N GLU B 203 0.16 -2.88 35.54
CA GLU B 203 1.60 -2.99 35.69
C GLU B 203 1.90 -4.26 36.51
N ILE B 204 2.81 -5.09 36.00
CA ILE B 204 3.18 -6.34 36.68
C ILE B 204 3.96 -6.05 37.97
N ALA B 205 3.74 -6.83 39.02
CA ALA B 205 4.48 -6.61 40.26
C ALA B 205 5.93 -7.04 40.06
N GLY B 206 6.86 -6.22 40.53
CA GLY B 206 8.28 -6.51 40.39
C GLY B 206 8.77 -7.93 40.65
N GLU B 207 8.37 -8.50 41.78
CA GLU B 207 8.80 -9.83 42.14
C GLU B 207 8.54 -10.93 41.12
N LEU B 208 7.45 -10.81 40.35
CA LEU B 208 7.17 -11.87 39.39
C LEU B 208 8.11 -11.84 38.19
N LEU B 209 8.92 -10.79 38.11
CA LEU B 209 9.88 -10.61 37.03
C LEU B 209 11.29 -11.02 37.46
N LYS B 210 11.45 -11.56 38.66
CA LYS B 210 12.79 -11.95 39.10
C LYS B 210 13.31 -13.16 38.33
N ILE B 211 14.59 -13.12 38.00
CA ILE B 211 15.24 -14.26 37.33
C ILE B 211 15.97 -14.96 38.49
N SER B 212 15.79 -16.27 38.63
CA SER B 212 16.44 -16.94 39.74
C SER B 212 17.20 -18.19 39.29
N GLY B 213 18.30 -18.48 39.98
CA GLY B 213 19.12 -19.64 39.64
C GLY B 213 18.56 -20.95 40.11
N ALA B 214 18.95 -22.03 39.44
CA ALA B 214 18.52 -23.39 39.77
C ALA B 214 19.56 -24.42 39.33
N ARG B 215 19.55 -25.59 39.95
CA ARG B 215 20.50 -26.65 39.60
C ARG B 215 19.86 -27.99 39.33
N LEU B 216 20.48 -28.75 38.44
CA LEU B 216 20.00 -30.09 38.11
C LEU B 216 20.79 -31.04 39.00
N GLU B 217 20.22 -32.21 39.26
CA GLU B 217 20.94 -33.19 40.07
C GLU B 217 22.07 -33.66 39.15
N ASN B 218 23.29 -33.62 39.63
CA ASN B 218 24.40 -34.06 38.79
C ASN B 218 24.56 -35.57 38.78
N LYS B 219 24.01 -36.20 37.77
CA LYS B 219 24.15 -37.64 37.61
C LYS B 219 25.03 -37.90 36.39
N GLY B 220 25.77 -36.89 35.96
CA GLY B 220 26.64 -37.04 34.81
C GLY B 220 25.95 -36.99 33.46
N GLN B 221 24.82 -36.30 33.39
CA GLN B 221 24.07 -36.16 32.14
C GLN B 221 24.86 -35.41 31.08
N PHE B 222 25.75 -34.53 31.49
CA PHE B 222 26.51 -33.77 30.51
C PHE B 222 28.01 -34.06 30.50
N ASP B 223 28.38 -35.24 30.99
CA ASP B 223 29.78 -35.64 31.04
C ASP B 223 30.17 -36.50 29.83
N GLY B 224 29.90 -36.00 28.63
CA GLY B 224 30.23 -36.74 27.44
C GLY B 224 29.59 -36.08 26.23
N LYS B 225 29.38 -36.84 25.15
CA LYS B 225 28.77 -36.30 23.95
C LYS B 225 27.26 -36.32 24.08
N TRP B 226 26.72 -35.36 24.83
CA TRP B 226 25.29 -35.30 25.03
C TRP B 226 24.53 -34.72 23.84
N LEU B 227 25.24 -34.05 22.93
CA LEU B 227 24.62 -33.52 21.73
C LEU B 227 24.75 -34.64 20.73
N ASP B 228 23.66 -34.90 20.02
CA ASP B 228 23.60 -35.96 19.05
C ASP B 228 24.37 -35.69 17.78
N GLU B 229 25.51 -36.36 17.59
CA GLU B 229 26.31 -36.15 16.38
C GLU B 229 25.75 -36.94 15.20
N LYS B 230 24.53 -37.46 15.36
CA LYS B 230 23.91 -38.18 14.26
C LYS B 230 23.15 -37.11 13.46
N ASP B 231 22.70 -36.07 14.18
CA ASP B 231 21.97 -34.94 13.61
C ASP B 231 22.96 -33.96 12.97
N PRO B 232 22.84 -33.73 11.65
CA PRO B 232 23.72 -32.82 10.93
C PRO B 232 23.76 -31.43 11.58
N LEU B 233 22.60 -30.98 12.04
CA LEU B 233 22.51 -29.68 12.68
C LEU B 233 23.32 -29.56 13.98
N GLN B 234 23.11 -30.49 14.91
CA GLN B 234 23.83 -30.47 16.18
C GLN B 234 25.31 -30.67 15.90
N ASN B 235 25.63 -31.41 14.84
CA ASN B 235 27.01 -31.62 14.45
C ASN B 235 27.65 -30.34 13.99
N ALA B 236 26.92 -29.55 13.21
CA ALA B 236 27.47 -28.28 12.74
C ALA B 236 27.74 -27.41 13.96
N TYR B 237 26.85 -27.44 14.94
CA TYR B 237 27.02 -26.66 16.14
C TYR B 237 28.29 -27.08 16.90
N VAL B 238 28.49 -28.39 17.06
CA VAL B 238 29.67 -28.88 17.75
C VAL B 238 30.96 -28.49 17.02
N GLN B 239 30.96 -28.59 15.69
CA GLN B 239 32.15 -28.24 14.92
C GLN B 239 32.55 -26.79 15.17
N ALA B 240 31.57 -25.95 15.46
CA ALA B 240 31.88 -24.57 15.73
C ALA B 240 32.06 -24.27 17.22
N ASN B 241 31.45 -25.09 18.08
CA ASN B 241 31.48 -24.83 19.52
C ASN B 241 31.91 -25.95 20.45
N GLY B 242 31.88 -27.17 19.95
CA GLY B 242 32.19 -28.30 20.79
C GLY B 242 30.90 -28.63 21.52
N GLN B 243 30.96 -29.64 22.38
CA GLN B 243 29.84 -30.10 23.20
C GLN B 243 29.62 -29.12 24.35
N VAL B 244 29.36 -27.85 24.07
CA VAL B 244 29.17 -26.94 25.18
C VAL B 244 28.18 -25.82 24.93
N ILE B 245 27.49 -25.42 26.00
CA ILE B 245 26.52 -24.35 25.96
C ILE B 245 27.02 -23.22 26.87
N ASN B 246 27.57 -23.59 28.03
CA ASN B 246 28.13 -22.60 28.96
C ASN B 246 29.13 -23.25 29.92
N GLN B 247 29.58 -22.50 30.92
CA GLN B 247 30.56 -23.02 31.88
C GLN B 247 30.06 -24.11 32.82
N ASP B 248 28.75 -24.18 33.03
CA ASP B 248 28.20 -25.20 33.90
C ASP B 248 26.79 -25.59 33.44
N PRO B 249 26.71 -26.62 32.58
CA PRO B 249 25.43 -27.08 32.06
C PRO B 249 24.45 -27.64 33.11
N TYR B 250 24.91 -27.82 34.34
CA TYR B 250 24.04 -28.32 35.37
C TYR B 250 23.30 -27.16 36.01
N HIS B 251 23.69 -25.94 35.68
CA HIS B 251 23.02 -24.77 36.24
C HIS B 251 22.09 -24.16 35.18
N TYR B 252 20.92 -23.69 35.61
CA TYR B 252 19.96 -23.04 34.69
C TYR B 252 19.21 -21.95 35.43
N TYR B 253 18.39 -21.20 34.70
CA TYR B 253 17.61 -20.12 35.29
C TYR B 253 16.13 -20.33 35.04
N THR B 254 15.30 -19.69 35.84
CA THR B 254 13.86 -19.85 35.69
C THR B 254 13.15 -18.51 35.71
N ILE B 255 11.98 -18.46 35.12
CA ILE B 255 11.18 -17.24 35.18
C ILE B 255 9.75 -17.70 35.29
N THR B 256 8.93 -16.87 35.92
CA THR B 256 7.55 -17.24 36.08
C THR B 256 6.80 -17.13 34.77
N GLU B 257 5.71 -17.87 34.69
CA GLU B 257 4.86 -17.86 33.54
C GLU B 257 4.32 -16.43 33.38
N SER B 258 4.19 -15.73 34.50
CA SER B 258 3.67 -14.37 34.49
C SER B 258 4.65 -13.49 33.77
N ALA B 259 5.93 -13.77 34.00
CA ALA B 259 7.01 -13.03 33.38
C ALA B 259 7.01 -13.30 31.89
N GLU B 260 6.80 -14.57 31.49
CA GLU B 260 6.79 -14.86 30.08
C GLU B 260 5.68 -14.06 29.37
N GLN B 261 4.49 -14.02 29.97
CA GLN B 261 3.39 -13.24 29.41
C GLN B 261 3.72 -11.73 29.28
N GLU B 262 4.53 -11.20 30.20
CA GLU B 262 4.92 -9.79 30.14
C GLU B 262 5.90 -9.64 28.97
N LEU B 263 6.73 -10.65 28.75
CA LEU B 263 7.68 -10.62 27.66
C LEU B 263 6.98 -10.68 26.32
N ILE B 264 5.97 -11.55 26.23
CA ILE B 264 5.19 -11.70 25.02
C ILE B 264 4.50 -10.37 24.73
N LYS B 265 3.85 -9.80 25.73
CA LYS B 265 3.17 -8.53 25.55
C LYS B 265 4.10 -7.44 25.04
N ALA B 266 5.25 -7.28 25.70
CA ALA B 266 6.20 -6.25 25.31
C ALA B 266 6.73 -6.49 23.91
N THR B 267 6.99 -7.74 23.59
CA THR B 267 7.53 -8.06 22.28
C THR B 267 6.55 -7.61 21.19
N ASN B 268 5.29 -8.00 21.34
CA ASN B 268 4.28 -7.69 20.35
C ASN B 268 4.04 -6.17 20.23
N GLU B 269 4.04 -5.48 21.35
CA GLU B 269 3.85 -4.03 21.39
C GLU B 269 5.04 -3.26 20.84
N LEU B 270 6.24 -3.61 21.26
CA LEU B 270 7.40 -2.90 20.79
C LEU B 270 7.62 -3.15 19.30
N HIS B 271 7.21 -4.32 18.81
CA HIS B 271 7.41 -4.57 17.41
C HIS B 271 6.54 -3.57 16.61
N LEU B 272 5.30 -3.38 17.06
CA LEU B 272 4.40 -2.45 16.41
C LEU B 272 4.92 -1.03 16.61
N MET B 273 5.47 -0.74 17.78
CA MET B 273 6.00 0.61 18.01
C MET B 273 7.18 0.89 17.07
N TYR B 274 8.00 -0.13 16.81
CA TYR B 274 9.15 0.02 15.91
C TYR B 274 8.72 0.21 14.47
N LEU B 275 7.63 -0.45 14.07
CA LEU B 275 7.13 -0.35 12.69
C LEU B 275 6.51 1.04 12.45
N HIS B 276 5.88 1.59 13.49
CA HIS B 276 5.27 2.92 13.42
C HIS B 276 6.38 3.97 13.32
N ALA B 277 7.45 3.80 14.09
CA ALA B 277 8.52 4.78 14.00
C ALA B 277 9.21 4.65 12.63
N THR B 278 9.26 3.44 12.09
CA THR B 278 9.87 3.20 10.80
C THR B 278 9.08 3.97 9.72
N ASP B 279 7.76 3.84 9.76
CA ASP B 279 6.91 4.54 8.81
C ASP B 279 7.19 6.06 8.91
N LYS B 280 7.26 6.58 10.13
CA LYS B 280 7.54 8.02 10.36
C LYS B 280 8.88 8.42 9.77
N VAL B 281 9.90 7.60 10.01
CA VAL B 281 11.23 7.87 9.47
C VAL B 281 11.23 7.92 7.94
N LEU B 282 10.59 6.94 7.32
CA LEU B 282 10.56 6.87 5.86
C LEU B 282 9.68 7.92 5.18
N LYS B 283 8.89 8.64 5.96
CA LYS B 283 8.04 9.71 5.41
C LYS B 283 8.72 11.07 5.59
N ASP B 284 9.88 11.10 6.24
CA ASP B 284 10.56 12.37 6.46
C ASP B 284 12.07 12.36 6.26
N ASP B 285 12.50 13.00 5.19
CA ASP B 285 13.92 13.10 4.86
C ASP B 285 14.83 13.53 6.04
N ASN B 286 14.37 14.45 6.88
CA ASN B 286 15.16 14.92 7.99
C ASN B 286 15.40 13.81 9.02
N LEU B 287 14.43 12.94 9.20
CA LEU B 287 14.63 11.85 10.14
C LEU B 287 15.48 10.77 9.48
N LEU B 288 15.27 10.54 8.19
CA LEU B 288 16.04 9.51 7.47
C LEU B 288 17.53 9.84 7.45
N ALA B 289 17.87 11.12 7.25
CA ALA B 289 19.26 11.58 7.23
C ALA B 289 20.03 11.20 8.50
N LEU B 290 19.32 11.04 9.60
CA LEU B 290 19.95 10.67 10.86
C LEU B 290 20.58 9.27 10.86
N PHE B 291 20.12 8.39 9.98
CA PHE B 291 20.60 7.02 9.92
C PHE B 291 21.91 6.75 9.20
N ASP B 292 22.43 7.75 8.50
CA ASP B 292 23.68 7.61 7.76
C ASP B 292 23.73 6.48 6.73
N ILE B 293 22.60 6.24 6.09
CA ILE B 293 22.52 5.24 5.05
C ILE B 293 22.73 6.04 3.75
N PRO B 294 23.57 5.56 2.82
CA PRO B 294 23.86 6.23 1.55
C PRO B 294 22.58 6.73 0.89
N LYS B 295 22.53 8.03 0.62
CA LYS B 295 21.35 8.66 0.04
C LYS B 295 20.78 8.00 -1.23
N ILE B 296 21.64 7.41 -2.04
CA ILE B 296 21.20 6.72 -3.27
C ILE B 296 20.22 5.55 -2.96
N LEU B 297 20.21 5.08 -1.71
CA LEU B 297 19.33 3.97 -1.35
C LEU B 297 17.96 4.40 -0.84
N TRP B 298 17.81 5.66 -0.44
CA TRP B 298 16.53 6.09 0.11
C TRP B 298 15.25 5.70 -0.66
N PRO B 299 15.17 6.04 -1.95
CA PRO B 299 13.96 5.69 -2.72
C PRO B 299 13.67 4.17 -2.63
N ARG B 300 14.75 3.38 -2.67
CA ARG B 300 14.67 1.92 -2.57
C ARG B 300 14.22 1.46 -1.19
N LEU B 301 14.67 2.15 -0.14
CA LEU B 301 14.24 1.84 1.21
C LEU B 301 12.72 2.00 1.26
N ARG B 302 12.24 3.09 0.69
CA ARG B 302 10.79 3.40 0.66
C ARG B 302 9.99 2.38 -0.17
N LEU B 303 10.49 2.00 -1.33
CA LEU B 303 9.82 1.00 -2.15
C LEU B 303 9.72 -0.30 -1.33
N SER B 304 10.84 -0.72 -0.75
CA SER B 304 10.87 -1.92 0.08
C SER B 304 9.79 -1.83 1.18
N TRP B 305 9.75 -0.71 1.89
CA TRP B 305 8.76 -0.53 2.96
C TRP B 305 7.34 -0.69 2.42
N GLN B 306 7.07 -0.13 1.25
CA GLN B 306 5.75 -0.23 0.63
C GLN B 306 5.36 -1.63 0.14
N ARG B 307 6.26 -2.39 -0.47
CA ARG B 307 5.89 -3.69 -1.00
C ARG B 307 6.31 -4.96 -0.27
N ARG B 308 7.20 -4.84 0.72
CA ARG B 308 7.68 -5.99 1.47
C ARG B 308 7.31 -5.81 2.96
N ARG B 309 6.34 -4.92 3.22
CA ARG B 309 5.95 -4.62 4.60
C ARG B 309 5.65 -5.84 5.47
N HIS B 310 5.00 -6.85 4.91
CA HIS B 310 4.67 -8.06 5.68
C HIS B 310 5.64 -9.19 5.43
N HIS B 311 6.83 -8.87 4.93
CA HIS B 311 7.76 -9.94 4.59
C HIS B 311 8.90 -10.19 5.52
N MET B 312 8.92 -9.52 6.67
CA MET B 312 10.02 -9.71 7.62
C MET B 312 9.81 -11.08 8.24
N ILE B 313 10.86 -11.90 8.25
CA ILE B 313 10.73 -13.22 8.82
C ILE B 313 11.09 -13.37 10.27
N THR B 314 12.24 -12.82 10.69
CA THR B 314 12.58 -12.97 12.10
C THR B 314 13.51 -11.90 12.63
N GLY B 315 13.42 -11.64 13.93
CA GLY B 315 14.25 -10.64 14.57
C GLY B 315 14.40 -10.98 16.05
N ARG B 316 15.26 -10.24 16.74
CA ARG B 316 15.52 -10.48 18.14
C ARG B 316 15.61 -9.19 18.95
N MET B 317 14.86 -9.12 20.04
CA MET B 317 14.89 -7.96 20.91
C MET B 317 15.69 -8.28 22.19
N ASP B 318 16.57 -7.35 22.56
CA ASP B 318 17.43 -7.41 23.75
C ASP B 318 16.78 -6.61 24.92
N PHE B 319 16.55 -7.27 26.05
CA PHE B 319 15.92 -6.62 27.22
C PHE B 319 16.66 -6.83 28.52
N CYS B 320 16.42 -5.91 29.45
CA CYS B 320 16.93 -6.00 30.80
C CYS B 320 15.65 -6.27 31.58
N MET B 321 15.62 -7.38 32.31
CA MET B 321 14.42 -7.71 33.08
C MET B 321 14.71 -8.13 34.51
N ASP B 322 14.06 -7.45 35.46
CA ASP B 322 14.15 -7.77 36.88
C ASP B 322 13.13 -6.94 37.67
N GLU B 323 13.13 -7.07 38.99
CA GLU B 323 12.17 -6.36 39.86
C GLU B 323 11.94 -4.90 39.50
N ARG B 324 12.87 -4.32 38.74
CA ARG B 324 12.77 -2.93 38.32
C ARG B 324 11.85 -2.70 37.12
N GLY B 325 11.43 -3.78 36.47
CA GLY B 325 10.58 -3.65 35.31
C GLY B 325 11.27 -4.25 34.09
N LEU B 326 10.80 -3.88 32.91
CA LEU B 326 11.31 -4.40 31.66
C LEU B 326 11.60 -3.27 30.69
N LYS B 327 12.83 -3.23 30.19
CA LYS B 327 13.27 -2.21 29.25
C LYS B 327 14.00 -2.84 28.06
N VAL B 328 13.81 -2.25 26.87
CA VAL B 328 14.50 -2.74 25.66
C VAL B 328 15.75 -1.96 25.42
N TYR B 329 16.84 -2.65 25.10
CA TYR B 329 18.08 -1.95 24.76
C TYR B 329 18.06 -1.68 23.25
N GLU B 330 17.63 -2.68 22.47
CA GLU B 330 17.60 -2.59 20.99
C GLU B 330 16.76 -3.73 20.40
N TYR B 331 16.61 -3.68 19.06
CA TYR B 331 15.87 -4.66 18.29
C TYR B 331 16.71 -5.05 17.05
N ASN B 332 17.24 -6.27 17.05
CA ASN B 332 18.04 -6.75 15.94
C ASN B 332 17.06 -7.25 14.88
N ALA B 333 16.62 -6.32 14.04
CA ALA B 333 15.63 -6.64 13.02
C ALA B 333 16.20 -7.05 11.69
N ASP B 334 17.49 -6.82 11.49
CA ASP B 334 18.08 -7.16 10.21
C ASP B 334 18.63 -8.57 10.12
N SER B 335 19.69 -8.88 10.85
CA SER B 335 20.23 -10.24 10.79
C SER B 335 20.43 -10.82 12.19
N ALA B 336 19.36 -11.31 12.78
CA ALA B 336 19.40 -11.88 14.13
C ALA B 336 19.78 -13.37 14.16
N SER B 337 20.54 -13.76 15.18
CA SER B 337 20.96 -15.14 15.35
C SER B 337 20.59 -15.60 16.76
N CYS B 338 21.07 -16.78 17.16
CA CYS B 338 20.79 -17.39 18.47
C CYS B 338 19.65 -18.39 18.38
N HIS B 339 18.97 -18.43 17.23
CA HIS B 339 17.85 -19.32 17.03
C HIS B 339 18.19 -20.79 17.29
N THR B 340 19.31 -21.22 16.73
CA THR B 340 19.73 -22.61 16.88
C THR B 340 19.94 -22.96 18.35
N GLU B 341 20.67 -22.10 19.04
CA GLU B 341 20.95 -22.31 20.45
C GLU B 341 19.66 -22.41 21.25
N ALA B 342 18.76 -21.45 21.06
CA ALA B 342 17.50 -21.43 21.82
C ALA B 342 16.48 -22.50 21.43
N GLY B 343 16.28 -22.68 20.13
CA GLY B 343 15.30 -23.64 19.64
C GLY B 343 15.78 -25.06 19.36
N LEU B 344 17.07 -25.34 19.54
CA LEU B 344 17.55 -26.70 19.29
C LEU B 344 18.53 -27.22 20.34
N ILE B 345 19.63 -26.49 20.49
CA ILE B 345 20.64 -26.91 21.45
C ILE B 345 20.02 -27.01 22.82
N LEU B 346 19.22 -26.01 23.19
CA LEU B 346 18.56 -26.01 24.48
C LEU B 346 17.47 -27.06 24.57
N GLU B 347 16.85 -27.42 23.47
CA GLU B 347 15.86 -28.49 23.55
C GLU B 347 16.63 -29.80 23.88
N ARG B 348 17.77 -30.01 23.23
CA ARG B 348 18.59 -31.21 23.51
C ARG B 348 19.05 -31.17 24.98
N TRP B 349 19.38 -29.98 25.47
CA TRP B 349 19.83 -29.84 26.87
C TRP B 349 18.73 -30.31 27.84
N ALA B 350 17.50 -29.82 27.66
CA ALA B 350 16.37 -30.18 28.52
C ALA B 350 16.14 -31.67 28.40
N GLU B 351 16.01 -32.12 27.17
CA GLU B 351 15.81 -33.53 26.87
C GLU B 351 16.86 -34.38 27.61
N GLN B 352 18.09 -33.88 27.64
CA GLN B 352 19.17 -34.63 28.26
C GLN B 352 19.22 -34.57 29.77
N GLY B 353 18.86 -33.43 30.35
CA GLY B 353 18.96 -33.35 31.78
C GLY B 353 17.82 -32.78 32.61
N TYR B 354 16.80 -32.24 31.96
CA TYR B 354 15.70 -31.65 32.72
C TYR B 354 14.56 -32.61 32.94
N LYS B 355 14.22 -32.85 34.21
CA LYS B 355 13.14 -33.76 34.56
C LYS B 355 11.98 -32.98 35.17
N GLY B 356 12.10 -31.66 35.20
CA GLY B 356 11.08 -30.81 35.78
C GLY B 356 9.74 -30.64 35.08
N ASN B 357 8.93 -29.74 35.63
CA ASN B 357 7.61 -29.45 35.10
C ASN B 357 7.62 -28.29 34.10
N GLY B 358 8.61 -27.41 34.22
CA GLY B 358 8.70 -26.25 33.35
C GLY B 358 8.96 -26.53 31.88
N PHE B 359 9.16 -25.47 31.11
CA PHE B 359 9.44 -25.64 29.69
C PHE B 359 10.43 -24.61 29.11
N ASN B 360 11.02 -24.96 27.97
CA ASN B 360 11.94 -24.07 27.26
C ASN B 360 11.03 -23.20 26.40
N PRO B 361 10.95 -21.90 26.69
CA PRO B 361 10.06 -21.03 25.91
C PRO B 361 10.39 -20.86 24.43
N ALA B 362 11.51 -21.43 23.96
CA ALA B 362 11.87 -21.33 22.55
C ALA B 362 11.61 -22.65 21.86
N GLU B 363 10.99 -23.60 22.55
CA GLU B 363 10.76 -24.93 21.97
C GLU B 363 10.17 -25.00 20.55
N GLY B 364 9.19 -24.16 20.24
CA GLY B 364 8.62 -24.24 18.90
C GLY B 364 9.21 -23.35 17.80
N LEU B 365 10.32 -22.67 18.09
CA LEU B 365 10.94 -21.76 17.10
C LEU B 365 11.01 -22.29 15.67
N ILE B 366 11.50 -23.52 15.51
CA ILE B 366 11.64 -24.15 14.21
C ILE B 366 10.33 -24.09 13.44
N ASN B 367 9.26 -24.51 14.11
CA ASN B 367 7.92 -24.55 13.54
C ASN B 367 7.38 -23.16 13.24
N GLU B 368 7.56 -22.24 14.19
CA GLU B 368 7.11 -20.86 14.01
C GLU B 368 7.72 -20.29 12.72
N LEU B 369 9.03 -20.49 12.56
CA LEU B 369 9.79 -20.06 11.37
C LEU B 369 9.27 -20.69 10.08
N ALA B 370 8.97 -21.98 10.12
CA ALA B 370 8.46 -22.66 8.92
C ALA B 370 7.11 -22.01 8.61
N GLY B 371 6.39 -21.63 9.65
CA GLY B 371 5.10 -20.97 9.45
C GLY B 371 5.28 -19.67 8.69
N ALA B 372 6.23 -18.84 9.13
CA ALA B 372 6.49 -17.56 8.47
C ALA B 372 6.88 -17.77 7.01
N TRP B 373 7.77 -18.73 6.76
CA TRP B 373 8.22 -19.00 5.41
C TRP B 373 7.07 -19.46 4.51
N LYS B 374 6.17 -20.26 5.09
CA LYS B 374 5.05 -20.76 4.31
C LYS B 374 4.11 -19.63 3.88
N HIS B 375 3.91 -18.62 4.72
CA HIS B 375 3.01 -17.54 4.33
C HIS B 375 3.74 -16.36 3.72
N SER B 376 5.03 -16.53 3.46
CA SER B 376 5.80 -15.47 2.84
C SER B 376 5.54 -15.67 1.35
N ARG B 377 6.03 -14.74 0.54
CA ARG B 377 5.88 -14.79 -0.90
C ARG B 377 7.24 -15.13 -1.51
N ALA B 378 8.04 -15.92 -0.81
CA ALA B 378 9.35 -16.29 -1.30
C ALA B 378 9.16 -17.12 -2.54
N ARG B 379 10.14 -17.13 -3.43
CA ARG B 379 10.06 -17.97 -4.63
C ARG B 379 10.23 -19.43 -4.20
N PRO B 380 9.87 -20.38 -5.07
CA PRO B 380 10.01 -21.79 -4.69
C PRO B 380 11.44 -22.22 -4.33
N PHE B 381 12.44 -21.71 -5.03
CA PHE B 381 13.82 -22.06 -4.76
C PHE B 381 14.56 -20.90 -4.10
N VAL B 382 15.10 -21.07 -2.91
CA VAL B 382 15.83 -19.95 -2.33
C VAL B 382 17.28 -20.29 -2.06
N HIS B 383 18.15 -19.38 -2.45
CA HIS B 383 19.58 -19.54 -2.23
C HIS B 383 19.89 -18.94 -0.86
N ILE B 384 20.54 -19.71 0.00
CA ILE B 384 20.91 -19.21 1.32
C ILE B 384 22.34 -18.69 1.22
N MET B 385 22.55 -17.47 1.68
CA MET B 385 23.86 -16.85 1.62
C MET B 385 24.47 -16.64 2.98
N GLN B 386 25.60 -17.28 3.21
CA GLN B 386 26.31 -17.17 4.46
C GLN B 386 27.76 -16.86 4.14
N ASP B 387 28.46 -16.34 5.11
CA ASP B 387 29.85 -16.06 4.95
C ASP B 387 30.56 -17.41 5.12
N LYS B 388 31.74 -17.52 4.53
CA LYS B 388 32.54 -18.73 4.66
C LYS B 388 33.03 -18.58 6.11
N ASP B 389 32.27 -19.12 7.06
CA ASP B 389 32.56 -19.01 8.49
C ASP B 389 31.89 -20.18 9.24
N ILE B 390 32.68 -21.06 9.86
CA ILE B 390 32.12 -22.22 10.58
C ILE B 390 30.98 -21.90 11.55
N GLU B 391 31.05 -20.76 12.22
CA GLU B 391 30.01 -20.35 13.17
C GLU B 391 28.66 -20.11 12.49
N GLU B 392 28.71 -19.67 11.23
CA GLU B 392 27.48 -19.43 10.52
C GLU B 392 26.87 -20.66 9.88
N ASN B 393 27.63 -21.75 9.81
CA ASN B 393 27.10 -22.98 9.21
C ASN B 393 25.85 -23.53 9.85
N TYR B 394 25.80 -23.62 11.17
CA TYR B 394 24.61 -24.18 11.77
C TYR B 394 23.42 -23.25 11.71
N HIS B 395 23.64 -21.93 11.76
CA HIS B 395 22.56 -20.94 11.64
C HIS B 395 21.90 -21.10 10.24
N ALA B 396 22.73 -21.08 9.21
CA ALA B 396 22.26 -21.28 7.84
C ALA B 396 21.50 -22.61 7.67
N GLN B 397 22.02 -23.68 8.27
CA GLN B 397 21.38 -24.99 8.15
C GLN B 397 20.12 -25.10 8.99
N PHE B 398 20.09 -24.38 10.10
CA PHE B 398 18.90 -24.36 10.92
C PHE B 398 17.75 -23.71 10.12
N MET B 399 18.04 -22.62 9.43
CA MET B 399 17.00 -21.93 8.65
C MET B 399 16.63 -22.77 7.42
N GLU B 400 17.59 -23.51 6.90
CA GLU B 400 17.34 -24.38 5.75
C GLU B 400 16.30 -25.43 6.14
N GLN B 401 16.42 -25.96 7.36
CA GLN B 401 15.45 -26.95 7.82
C GLN B 401 14.06 -26.33 7.90
N ALA B 402 13.98 -25.07 8.32
CA ALA B 402 12.68 -24.41 8.41
C ALA B 402 12.15 -24.20 6.97
N LEU B 403 13.02 -23.77 6.07
CA LEU B 403 12.60 -23.56 4.68
C LEU B 403 12.11 -24.89 4.05
N HIS B 404 12.82 -25.98 4.34
CA HIS B 404 12.43 -27.30 3.83
C HIS B 404 11.09 -27.79 4.37
N GLN B 405 10.84 -27.52 5.66
CA GLN B 405 9.59 -27.92 6.31
C GLN B 405 8.45 -27.14 5.69
N ALA B 406 8.79 -25.97 5.16
CA ALA B 406 7.80 -25.12 4.52
C ALA B 406 7.66 -25.44 3.01
N GLY B 407 8.41 -26.44 2.54
CA GLY B 407 8.32 -26.83 1.14
C GLY B 407 9.19 -26.10 0.12
N PHE B 408 10.22 -25.36 0.57
CA PHE B 408 11.07 -24.71 -0.41
C PHE B 408 12.32 -25.54 -0.66
N GLU B 409 12.87 -25.41 -1.86
CA GLU B 409 14.11 -26.08 -2.23
C GLU B 409 15.20 -25.05 -1.92
N THR B 410 16.41 -25.50 -1.64
CA THR B 410 17.45 -24.56 -1.29
C THR B 410 18.81 -24.97 -1.79
N ARG B 411 19.77 -24.09 -1.56
CA ARG B 411 21.14 -24.29 -1.96
C ARG B 411 21.89 -23.30 -1.06
N ILE B 412 22.91 -23.79 -0.37
CA ILE B 412 23.65 -22.93 0.51
C ILE B 412 24.91 -22.38 -0.15
N LEU B 413 25.03 -21.05 -0.16
CA LEU B 413 26.19 -20.43 -0.74
C LEU B 413 27.06 -19.96 0.40
N ARG B 414 28.31 -20.42 0.42
CA ARG B 414 29.24 -20.03 1.43
C ARG B 414 30.21 -19.11 0.73
N GLY B 415 30.20 -17.83 1.12
CA GLY B 415 31.07 -16.87 0.47
C GLY B 415 30.47 -16.52 -0.88
N LEU B 416 31.23 -15.82 -1.71
CA LEU B 416 30.68 -15.41 -3.01
C LEU B 416 31.30 -16.06 -4.23
N ASP B 417 32.33 -16.89 -4.01
CA ASP B 417 33.04 -17.55 -5.11
C ASP B 417 32.23 -18.44 -6.07
N GLU B 418 31.14 -19.04 -5.60
CA GLU B 418 30.33 -19.89 -6.49
C GLU B 418 29.52 -19.03 -7.49
N LEU B 419 29.42 -17.73 -7.21
CA LEU B 419 28.64 -16.80 -8.04
C LEU B 419 29.32 -16.26 -9.31
N GLY B 420 28.53 -16.16 -10.38
CA GLY B 420 29.00 -15.64 -11.65
C GLY B 420 27.85 -15.03 -12.44
N TRP B 421 28.13 -14.48 -13.62
CA TRP B 421 27.10 -13.86 -14.47
C TRP B 421 27.08 -14.51 -15.85
N ASP B 422 25.94 -14.52 -16.53
CA ASP B 422 25.92 -15.05 -17.89
C ASP B 422 26.38 -13.91 -18.81
N ALA B 423 26.23 -14.06 -20.14
CA ALA B 423 26.67 -13.00 -21.06
C ALA B 423 25.84 -11.70 -20.93
N ALA B 424 24.53 -11.86 -20.78
CA ALA B 424 23.59 -10.74 -20.63
C ALA B 424 23.72 -10.04 -19.28
N GLY B 425 24.33 -10.73 -18.32
CA GLY B 425 24.53 -10.14 -17.01
C GLY B 425 23.58 -10.64 -15.95
N GLN B 426 23.01 -11.82 -16.15
CA GLN B 426 22.11 -12.39 -15.16
C GLN B 426 22.91 -13.16 -14.11
N LEU B 427 22.40 -13.16 -12.88
CA LEU B 427 23.05 -13.85 -11.76
C LEU B 427 22.80 -15.34 -11.76
N ILE B 428 23.88 -16.12 -11.71
CA ILE B 428 23.72 -17.58 -11.71
C ILE B 428 24.56 -18.18 -10.60
N ASP B 429 24.15 -19.35 -10.12
CA ASP B 429 24.92 -20.01 -9.08
C ASP B 429 25.91 -20.98 -9.74
N GLY B 430 26.49 -21.87 -8.94
CA GLY B 430 27.46 -22.83 -9.44
C GLY B 430 26.92 -23.91 -10.34
N GLU B 431 25.74 -24.44 -10.03
CA GLU B 431 25.13 -25.48 -10.84
C GLU B 431 24.52 -24.85 -12.10
N GLY B 432 24.73 -23.54 -12.25
CA GLY B 432 24.21 -22.83 -13.40
C GLY B 432 22.81 -22.24 -13.28
N ARG B 433 22.15 -22.34 -12.12
CA ARG B 433 20.81 -21.77 -12.03
C ARG B 433 20.77 -20.31 -11.63
N LEU B 434 19.64 -19.68 -11.98
CA LEU B 434 19.41 -18.28 -11.69
C LEU B 434 19.15 -18.07 -10.20
N VAL B 435 19.73 -17.00 -9.67
CA VAL B 435 19.54 -16.67 -8.28
C VAL B 435 18.52 -15.52 -8.24
N ASN B 436 17.29 -15.78 -7.85
CA ASN B 436 16.31 -14.69 -7.78
C ASN B 436 15.61 -14.57 -6.42
N CYS B 437 16.08 -15.36 -5.45
CA CYS B 437 15.52 -15.33 -4.12
C CYS B 437 16.57 -15.82 -3.14
N VAL B 438 16.89 -14.98 -2.16
CA VAL B 438 17.90 -15.36 -1.21
C VAL B 438 17.57 -14.98 0.23
N TRP B 439 17.96 -15.85 1.16
CA TRP B 439 17.84 -15.53 2.59
C TRP B 439 19.32 -15.38 2.94
N LYS B 440 19.65 -14.34 3.68
CA LYS B 440 21.05 -14.09 3.98
C LYS B 440 21.36 -14.06 5.48
N THR B 441 22.63 -14.30 5.81
CA THR B 441 23.08 -14.18 7.19
C THR B 441 23.83 -12.84 7.21
N TRP B 442 24.26 -12.37 6.04
CA TRP B 442 25.00 -11.09 5.94
C TRP B 442 24.15 -9.91 6.40
N ALA B 443 24.77 -8.93 7.05
CA ALA B 443 23.99 -7.76 7.46
C ALA B 443 23.94 -6.77 6.27
N TRP B 444 22.79 -6.10 6.08
CA TRP B 444 22.66 -5.12 4.99
C TRP B 444 23.72 -4.02 5.08
N GLU B 445 24.06 -3.64 6.31
CA GLU B 445 25.06 -2.61 6.52
C GLU B 445 26.40 -2.95 5.83
N THR B 446 26.71 -4.24 5.75
CA THR B 446 27.96 -4.71 5.12
C THR B 446 27.91 -4.37 3.63
N ALA B 447 26.72 -4.48 3.04
CA ALA B 447 26.55 -4.14 1.63
C ALA B 447 26.62 -2.62 1.51
N PHE B 448 26.06 -1.88 2.46
CA PHE B 448 26.07 -0.41 2.38
C PHE B 448 27.54 0.07 2.38
N ASP B 449 28.40 -0.68 3.04
CA ASP B 449 29.81 -0.33 3.10
C ASP B 449 30.44 -0.35 1.73
N GLN B 450 30.06 -1.31 0.91
CA GLN B 450 30.59 -1.40 -0.43
C GLN B 450 30.15 -0.23 -1.27
N ILE B 451 29.03 0.40 -0.90
CA ILE B 451 28.57 1.56 -1.64
C ILE B 451 29.41 2.75 -1.21
N ARG B 452 29.58 2.90 0.11
CA ARG B 452 30.36 4.01 0.67
C ARG B 452 31.84 4.03 0.31
N GLU B 453 32.40 2.86 -0.01
CA GLU B 453 33.81 2.77 -0.41
C GLU B 453 33.99 3.56 -1.69
N VAL B 454 32.99 3.48 -2.58
CA VAL B 454 33.03 4.20 -3.85
C VAL B 454 32.22 5.52 -3.80
N PHE B 459 27.39 8.55 -9.48
CA PHE B 459 26.54 7.46 -10.05
C PHE B 459 25.06 7.78 -9.98
N ALA B 460 24.35 7.34 -11.01
CA ALA B 460 22.93 7.59 -11.14
C ALA B 460 22.08 6.50 -10.51
N ALA B 461 22.74 5.48 -9.97
CA ALA B 461 22.04 4.36 -9.35
C ALA B 461 22.98 3.60 -8.41
N VAL B 462 22.45 2.61 -7.69
CA VAL B 462 23.30 1.81 -6.83
C VAL B 462 24.28 1.25 -7.83
N PRO B 463 25.58 1.46 -7.60
CA PRO B 463 26.66 1.01 -8.50
C PRO B 463 26.95 -0.49 -8.47
N ILE B 464 26.04 -1.32 -8.97
CA ILE B 464 26.26 -2.77 -8.97
C ILE B 464 26.76 -3.27 -10.32
N ARG B 465 27.65 -4.26 -10.28
CA ARG B 465 28.19 -4.84 -11.49
C ARG B 465 27.20 -5.84 -12.02
N THR B 466 27.14 -5.94 -13.36
CA THR B 466 26.25 -6.88 -14.03
C THR B 466 27.08 -7.67 -15.02
N GLY B 467 28.38 -7.70 -14.75
CA GLY B 467 29.32 -8.44 -15.59
C GLY B 467 30.73 -8.10 -15.12
N HIS B 468 31.65 -9.04 -15.29
CA HIS B 468 33.04 -8.86 -14.88
C HIS B 468 33.98 -9.80 -15.63
N PRO B 469 35.10 -9.26 -16.17
CA PRO B 469 36.07 -10.06 -16.91
C PRO B 469 36.59 -11.27 -16.14
N GLN B 470 36.55 -11.18 -14.82
CA GLN B 470 36.99 -12.26 -13.95
C GLN B 470 35.79 -12.94 -13.25
N ASN B 471 34.60 -12.46 -13.55
CA ASN B 471 33.39 -13.03 -12.95
C ASN B 471 33.38 -12.84 -11.44
N GLU B 472 33.91 -11.72 -10.97
CA GLU B 472 33.98 -11.41 -9.54
C GLU B 472 32.69 -10.74 -9.04
N VAL B 473 31.86 -11.52 -8.36
CA VAL B 473 30.58 -11.03 -7.82
C VAL B 473 30.72 -10.57 -6.37
N ARG B 474 30.34 -9.32 -6.09
CA ARG B 474 30.41 -8.78 -4.72
C ARG B 474 29.07 -8.97 -4.00
N LEU B 475 29.04 -8.73 -2.70
CA LEU B 475 27.81 -8.89 -1.91
C LEU B 475 26.69 -7.97 -2.46
N ILE B 476 27.01 -6.69 -2.68
CA ILE B 476 26.03 -5.73 -3.19
C ILE B 476 25.51 -6.06 -4.61
N ASP B 477 26.33 -6.75 -5.41
CA ASP B 477 25.95 -7.16 -6.76
C ASP B 477 24.85 -8.20 -6.68
N VAL B 478 24.64 -8.77 -5.50
CA VAL B 478 23.55 -9.72 -5.36
C VAL B 478 22.35 -9.06 -4.68
N LEU B 479 22.52 -8.66 -3.43
CA LEU B 479 21.46 -8.08 -2.63
C LEU B 479 20.68 -6.94 -3.25
N LEU B 480 21.36 -6.11 -4.04
CA LEU B 480 20.69 -4.96 -4.67
C LEU B 480 20.31 -5.09 -6.15
N ARG B 481 20.26 -6.32 -6.64
CA ARG B 481 19.82 -6.55 -7.99
C ARG B 481 18.31 -6.49 -7.79
N PRO B 482 17.62 -5.56 -8.47
CA PRO B 482 16.15 -5.40 -8.34
C PRO B 482 15.31 -6.68 -8.43
N GLU B 483 15.71 -7.60 -9.30
CA GLU B 483 15.01 -8.86 -9.52
C GLU B 483 15.30 -9.96 -8.49
N VAL B 484 16.19 -9.69 -7.54
CA VAL B 484 16.47 -10.68 -6.53
C VAL B 484 15.61 -10.35 -5.32
N LEU B 485 14.79 -11.31 -4.90
CA LEU B 485 13.91 -11.16 -3.74
C LEU B 485 14.70 -11.49 -2.45
N VAL B 486 15.08 -10.48 -1.68
CA VAL B 486 15.90 -10.69 -0.49
C VAL B 486 15.15 -10.70 0.86
N PHE B 487 15.59 -11.58 1.77
CA PHE B 487 15.05 -11.69 3.14
C PHE B 487 16.27 -11.65 4.06
N GLU B 488 16.29 -10.83 5.10
CA GLU B 488 15.22 -9.89 5.45
C GLU B 488 15.19 -8.75 4.45
N PRO B 489 14.02 -8.16 4.27
CA PRO B 489 13.86 -7.06 3.33
C PRO B 489 14.73 -5.88 3.71
N LEU B 490 15.03 -5.03 2.73
CA LEU B 490 15.85 -3.83 2.94
C LEU B 490 15.33 -2.86 4.02
N TRP B 491 14.02 -2.63 4.12
CA TRP B 491 13.54 -1.69 5.12
C TRP B 491 13.91 -2.07 6.57
N THR B 492 14.20 -3.35 6.83
CA THR B 492 14.53 -3.76 8.18
C THR B 492 15.78 -3.11 8.71
N VAL B 493 16.53 -2.42 7.85
CA VAL B 493 17.73 -1.71 8.33
C VAL B 493 17.29 -0.48 9.14
N ILE B 494 16.03 -0.08 9.05
CA ILE B 494 15.60 1.09 9.81
C ILE B 494 15.38 0.69 11.29
N PRO B 495 14.48 -0.27 11.58
CA PRO B 495 14.30 -0.63 13.00
C PRO B 495 15.54 -1.27 13.66
N GLY B 496 16.46 -1.79 12.83
CA GLY B 496 17.69 -2.38 13.33
C GLY B 496 18.85 -1.38 13.51
N ASN B 497 18.62 -0.10 13.18
CA ASN B 497 19.63 0.96 13.30
C ASN B 497 19.30 1.73 14.59
N LYS B 498 20.27 1.89 15.48
CA LYS B 498 20.00 2.56 16.73
C LYS B 498 19.55 4.00 16.62
N ALA B 499 19.64 4.59 15.44
CA ALA B 499 19.21 5.96 15.29
C ALA B 499 17.70 6.03 15.49
N ILE B 500 17.04 4.87 15.49
CA ILE B 500 15.58 4.86 15.67
C ILE B 500 15.13 5.07 17.12
N LEU B 501 16.04 4.85 18.06
CA LEU B 501 15.70 4.92 19.47
C LEU B 501 15.27 6.28 19.94
N PRO B 502 15.99 7.34 19.56
CA PRO B 502 15.58 8.67 20.01
C PRO B 502 14.22 8.97 19.39
N ILE B 503 13.99 8.42 18.20
CA ILE B 503 12.72 8.68 17.54
C ILE B 503 11.58 7.98 18.30
N LEU B 504 11.81 6.74 18.72
CA LEU B 504 10.83 6.01 19.49
C LEU B 504 10.56 6.76 20.79
N TRP B 505 11.61 7.28 21.42
CA TRP B 505 11.42 8.00 22.68
C TRP B 505 10.57 9.24 22.41
N SER B 506 10.85 9.90 21.29
CA SER B 506 10.11 11.10 20.89
C SER B 506 8.62 10.81 20.67
N LEU B 507 8.34 9.73 19.96
CA LEU B 507 6.95 9.33 19.68
C LEU B 507 6.19 8.76 20.89
N PHE B 508 6.89 8.03 21.76
CA PHE B 508 6.25 7.45 22.92
C PHE B 508 7.08 7.85 24.13
N PRO B 509 7.05 9.13 24.50
CA PRO B 509 7.85 9.57 25.65
C PRO B 509 7.41 8.99 26.99
N HIS B 510 8.39 8.48 27.74
CA HIS B 510 8.13 7.90 29.05
C HIS B 510 7.37 6.57 29.00
N HIS B 511 7.43 5.88 27.87
CA HIS B 511 6.75 4.59 27.76
C HIS B 511 7.42 3.60 28.71
N ARG B 512 6.61 2.80 29.41
CA ARG B 512 7.16 1.86 30.38
C ARG B 512 8.31 0.94 29.92
N TYR B 513 8.38 0.60 28.63
CA TYR B 513 9.45 -0.27 28.12
C TYR B 513 10.65 0.46 27.53
N LEU B 514 10.54 1.77 27.36
CA LEU B 514 11.62 2.51 26.74
C LEU B 514 12.56 3.20 27.69
N LEU B 515 13.77 3.41 27.22
CA LEU B 515 14.78 4.08 27.98
C LEU B 515 14.94 5.38 27.21
N ASP B 516 15.09 6.48 27.93
CA ASP B 516 15.28 7.79 27.30
C ASP B 516 16.58 7.77 26.48
N THR B 517 16.51 8.04 25.19
CA THR B 517 17.75 8.04 24.45
C THR B 517 17.76 9.23 23.52
N ASP B 518 18.95 9.75 23.27
CA ASP B 518 19.14 10.95 22.46
C ASP B 518 20.43 10.90 21.63
N PHE B 519 20.62 11.91 20.78
CA PHE B 519 21.80 11.97 19.93
C PHE B 519 22.90 12.80 20.58
N THR B 520 22.69 13.19 21.82
CA THR B 520 23.63 13.96 22.61
C THR B 520 23.45 13.51 24.04
N VAL B 521 24.40 13.81 24.92
CA VAL B 521 24.20 13.45 26.31
C VAL B 521 23.51 14.70 26.87
N ASN B 522 22.20 14.63 27.03
CA ASN B 522 21.45 15.77 27.56
C ASN B 522 21.47 15.86 29.08
N ASP B 523 20.72 16.84 29.59
CA ASP B 523 20.61 17.11 31.02
C ASP B 523 20.17 15.92 31.88
N GLU B 524 19.04 15.31 31.51
CA GLU B 524 18.53 14.16 32.26
C GLU B 524 19.48 12.95 32.19
N LEU B 525 20.09 12.75 31.02
CA LEU B 525 21.01 11.63 30.83
C LEU B 525 22.22 11.75 31.73
N VAL B 526 22.78 12.96 31.77
CA VAL B 526 23.94 13.21 32.61
C VAL B 526 23.56 12.80 34.05
N LYS B 527 22.30 13.07 34.40
CA LYS B 527 21.78 12.76 35.73
C LYS B 527 21.57 11.26 35.98
N THR B 528 21.33 10.48 34.93
CA THR B 528 21.06 9.06 35.10
C THR B 528 22.21 8.10 34.76
N GLY B 529 23.22 8.60 34.06
CA GLY B 529 24.28 7.74 33.59
C GLY B 529 23.77 7.29 32.21
N TYR B 530 24.67 6.86 31.33
CA TYR B 530 24.23 6.44 30.01
C TYR B 530 25.15 5.48 29.29
N ALA B 531 24.58 4.83 28.28
CA ALA B 531 25.34 3.92 27.42
C ALA B 531 25.54 4.66 26.08
N VAL B 532 26.75 4.56 25.54
CA VAL B 532 27.11 5.15 24.27
C VAL B 532 27.16 3.94 23.33
N LYS B 533 26.41 3.99 22.24
CA LYS B 533 26.38 2.86 21.33
C LYS B 533 26.36 3.30 19.87
N PRO B 534 27.22 2.69 19.04
CA PRO B 534 27.24 3.07 17.61
C PRO B 534 25.87 2.72 17.00
N ILE B 535 25.38 3.53 16.05
CA ILE B 535 24.05 3.25 15.50
C ILE B 535 23.94 2.02 14.64
N ALA B 536 25.03 1.64 13.99
CA ALA B 536 25.01 0.45 13.15
C ALA B 536 25.96 -0.63 13.68
N GLY B 537 26.15 -0.70 14.99
CA GLY B 537 27.05 -1.71 15.50
C GLY B 537 26.28 -2.97 15.88
N ARG B 538 26.99 -3.92 16.49
CA ARG B 538 26.39 -5.17 16.95
C ARG B 538 27.38 -5.99 17.75
N CYS B 539 26.88 -7.04 18.38
CA CYS B 539 27.70 -7.94 19.19
C CYS B 539 28.31 -7.29 20.43
N GLY B 540 27.80 -6.15 20.85
CA GLY B 540 28.36 -5.50 22.02
C GLY B 540 29.66 -4.77 21.71
N SER B 541 29.82 -4.33 20.46
CA SER B 541 31.04 -3.63 20.05
C SER B 541 30.97 -2.15 20.28
N ASN B 542 32.11 -1.57 20.65
CA ASN B 542 32.23 -0.15 20.90
C ASN B 542 31.18 0.44 21.81
N ILE B 543 30.93 -0.21 22.93
CA ILE B 543 29.95 0.27 23.91
C ILE B 543 30.68 0.91 25.10
N ASP B 544 30.16 2.01 25.63
CA ASP B 544 30.76 2.67 26.79
C ASP B 544 29.63 2.90 27.77
N LEU B 545 29.81 2.47 29.02
CA LEU B 545 28.78 2.65 30.05
C LEU B 545 29.31 3.64 31.08
N VAL B 546 28.63 4.79 31.16
CA VAL B 546 28.99 5.88 32.05
C VAL B 546 27.96 6.07 33.17
N SER B 547 28.39 5.85 34.41
CA SER B 547 27.52 5.97 35.59
C SER B 547 27.04 7.40 35.81
N HIS B 548 26.08 7.56 36.72
CA HIS B 548 25.53 8.88 37.03
C HIS B 548 26.53 9.71 37.82
N HIS B 549 27.80 9.53 37.52
CA HIS B 549 28.90 10.28 38.14
C HIS B 549 29.78 10.75 36.99
N GLU B 550 30.84 10.00 36.74
CA GLU B 550 31.78 10.35 35.68
C GLU B 550 32.43 9.04 35.29
N GLU B 551 32.51 8.14 36.26
CA GLU B 551 33.15 6.86 36.10
C GLU B 551 32.64 6.02 34.93
N VAL B 552 33.57 5.40 34.23
CA VAL B 552 33.28 4.53 33.10
C VAL B 552 33.12 3.10 33.66
N LEU B 553 31.91 2.58 33.69
CA LEU B 553 31.68 1.23 34.23
C LEU B 553 32.27 0.13 33.39
N ASP B 554 32.26 0.33 32.07
CA ASP B 554 32.82 -0.63 31.14
C ASP B 554 32.90 0.05 29.79
N LYS B 555 33.73 -0.50 28.94
CA LYS B 555 33.95 0.01 27.61
C LYS B 555 34.49 -1.15 26.82
N THR B 556 33.95 -1.34 25.62
CA THR B 556 34.40 -2.44 24.77
C THR B 556 35.01 -1.87 23.52
N SER B 557 35.71 -2.74 22.79
CA SER B 557 36.36 -2.38 21.54
C SER B 557 35.51 -2.89 20.39
N GLY B 558 36.00 -2.74 19.17
CA GLY B 558 35.26 -3.20 18.01
C GLY B 558 35.58 -2.31 16.81
N LYS B 559 35.04 -2.67 15.66
CA LYS B 559 35.33 -1.92 14.44
C LYS B 559 34.39 -0.76 14.12
N PHE B 560 33.50 -0.38 15.03
CA PHE B 560 32.55 0.68 14.70
C PHE B 560 32.78 2.01 15.37
N ALA B 561 33.98 2.20 15.93
CA ALA B 561 34.30 3.43 16.67
C ALA B 561 34.15 4.75 15.92
N GLU B 562 34.07 4.69 14.61
CA GLU B 562 33.95 5.91 13.82
C GLU B 562 32.51 6.34 13.51
N GLN B 563 31.54 5.45 13.62
CA GLN B 563 30.18 5.86 13.27
C GLN B 563 29.49 6.73 14.30
N LYS B 564 28.34 7.27 13.92
CA LYS B 564 27.55 8.12 14.81
C LYS B 564 27.12 7.26 16.00
N ASN B 565 26.96 7.90 17.17
CA ASN B 565 26.52 7.20 18.38
C ASN B 565 25.17 7.73 18.84
N ILE B 566 24.50 6.98 19.73
CA ILE B 566 23.29 7.46 20.37
C ILE B 566 23.63 7.29 21.82
N TYR B 567 22.85 7.95 22.67
CA TYR B 567 23.08 7.91 24.11
C TYR B 567 21.84 7.44 24.82
N GLN B 568 21.94 6.28 25.44
CA GLN B 568 20.80 5.68 26.10
C GLN B 568 20.89 5.60 27.63
N GLN B 569 19.84 6.06 28.30
CA GLN B 569 19.74 6.02 29.75
C GLN B 569 20.32 4.70 30.31
N LEU B 570 21.24 4.83 31.25
CA LEU B 570 21.86 3.68 31.88
C LEU B 570 20.81 2.83 32.61
N TRP B 571 20.86 1.53 32.39
CA TRP B 571 19.94 0.61 33.03
C TRP B 571 20.65 -0.73 32.87
N CYS B 572 21.52 -1.00 33.84
CA CYS B 572 22.36 -2.18 33.87
C CYS B 572 21.71 -3.51 34.19
N LEU B 573 22.20 -4.52 33.48
CA LEU B 573 21.73 -5.89 33.61
C LEU B 573 21.79 -6.39 35.03
N PRO B 574 20.88 -7.29 35.39
CA PRO B 574 20.94 -7.78 36.76
C PRO B 574 22.00 -8.86 36.86
N LYS B 575 22.59 -8.98 38.04
CA LYS B 575 23.62 -9.98 38.28
C LYS B 575 22.91 -11.09 39.06
N VAL B 576 22.93 -12.31 38.52
CA VAL B 576 22.28 -13.43 39.16
C VAL B 576 23.20 -14.65 39.10
N ASP B 577 23.53 -15.15 40.28
CA ASP B 577 24.43 -16.30 40.40
C ASP B 577 25.74 -16.08 39.66
N GLY B 578 26.38 -14.94 39.93
CA GLY B 578 27.65 -14.64 39.29
C GLY B 578 27.68 -14.14 37.86
N LYS B 579 26.53 -14.02 37.20
CA LYS B 579 26.55 -13.53 35.82
C LYS B 579 25.50 -12.47 35.55
N TYR B 580 25.84 -11.56 34.64
CA TYR B 580 24.90 -10.54 34.26
C TYR B 580 24.03 -11.22 33.25
N ILE B 581 22.72 -11.19 33.46
CA ILE B 581 21.78 -11.88 32.58
C ILE B 581 20.81 -11.00 31.81
N GLN B 582 20.81 -11.23 30.51
CA GLN B 582 19.98 -10.49 29.60
C GLN B 582 18.95 -11.40 28.98
N VAL B 583 17.74 -10.87 28.83
CA VAL B 583 16.65 -11.63 28.23
C VAL B 583 16.46 -11.20 26.76
N CYS B 584 16.26 -12.19 25.90
CA CYS B 584 16.07 -11.92 24.48
C CYS B 584 14.81 -12.61 24.00
N THR B 585 14.05 -11.94 23.16
CA THR B 585 12.89 -12.57 22.61
C THR B 585 13.02 -12.53 21.12
N PHE B 586 12.45 -13.53 20.48
CA PHE B 586 12.46 -13.62 19.03
C PHE B 586 11.12 -13.13 18.48
N THR B 587 11.13 -12.47 17.32
CA THR B 587 9.87 -12.14 16.68
C THR B 587 9.97 -13.03 15.44
N VAL B 588 8.83 -13.51 14.97
CA VAL B 588 8.77 -14.36 13.79
C VAL B 588 7.47 -13.90 13.18
N GLY B 589 7.57 -13.36 11.97
CA GLY B 589 6.38 -12.85 11.32
C GLY B 589 5.82 -11.65 12.08
N GLY B 590 6.63 -11.04 12.95
CA GLY B 590 6.14 -9.90 13.70
C GLY B 590 5.55 -10.17 15.08
N ASN B 591 5.45 -11.42 15.50
CA ASN B 591 4.91 -11.73 16.82
C ASN B 591 5.92 -12.57 17.59
N TYR B 592 5.78 -12.57 18.92
CA TYR B 592 6.63 -13.33 19.82
C TYR B 592 6.79 -14.76 19.31
N GLY B 593 8.02 -15.25 19.25
CA GLY B 593 8.29 -16.60 18.79
C GLY B 593 9.13 -17.38 19.80
N GLY B 594 9.54 -16.74 20.88
CA GLY B 594 10.34 -17.43 21.89
C GLY B 594 11.18 -16.50 22.74
N THR B 595 11.81 -17.07 23.78
CA THR B 595 12.66 -16.33 24.71
C THR B 595 13.96 -17.11 24.97
N CYS B 596 15.04 -16.42 25.29
CA CYS B 596 16.31 -17.08 25.60
C CYS B 596 17.11 -16.11 26.46
N LEU B 597 18.13 -16.64 27.15
CA LEU B 597 18.99 -15.86 28.02
C LEU B 597 20.41 -15.88 27.54
N ARG B 598 21.13 -14.80 27.84
CA ARG B 598 22.54 -14.66 27.49
C ARG B 598 23.14 -14.19 28.79
N GLY B 599 24.36 -14.63 29.10
CA GLY B 599 24.97 -14.21 30.34
C GLY B 599 26.42 -13.86 30.13
N ASP B 600 26.90 -12.87 30.86
CA ASP B 600 28.29 -12.45 30.74
C ASP B 600 28.87 -12.02 32.07
N GLU B 601 30.18 -12.21 32.20
CA GLU B 601 30.89 -11.83 33.40
C GLU B 601 30.87 -10.30 33.51
N SER B 602 30.70 -9.62 32.37
CA SER B 602 30.67 -8.16 32.38
C SER B 602 29.26 -7.60 32.10
N LEU B 603 29.11 -6.29 32.29
CA LEU B 603 27.85 -5.57 32.05
C LEU B 603 27.40 -5.56 30.58
N VAL B 604 28.35 -5.83 29.68
CA VAL B 604 28.09 -5.80 28.24
C VAL B 604 28.04 -7.17 27.58
N ILE B 605 26.88 -7.56 27.07
CA ILE B 605 26.77 -8.85 26.40
C ILE B 605 27.46 -8.70 25.07
N LYS B 606 28.20 -9.73 24.66
CA LYS B 606 28.87 -9.64 23.38
C LYS B 606 28.68 -10.95 22.66
N LYS B 607 29.21 -11.03 21.44
CA LYS B 607 29.06 -12.23 20.63
C LYS B 607 29.50 -13.52 21.32
N GLU B 608 30.47 -13.42 22.22
CA GLU B 608 31.00 -14.59 22.91
C GLU B 608 30.36 -14.86 24.26
N SER B 609 29.25 -14.20 24.56
CA SER B 609 28.59 -14.43 25.83
C SER B 609 27.87 -15.77 25.69
N ASP B 610 27.64 -16.48 26.78
CA ASP B 610 26.97 -17.75 26.65
C ASP B 610 25.47 -17.68 26.58
N ILE B 611 24.88 -18.78 26.14
CA ILE B 611 23.44 -18.97 26.12
C ILE B 611 23.24 -19.68 27.45
N GLU B 612 22.24 -19.28 28.23
CA GLU B 612 21.99 -19.91 29.52
C GLU B 612 20.66 -20.64 29.49
N PRO B 613 20.66 -21.93 29.87
CA PRO B 613 19.39 -22.67 29.87
C PRO B 613 18.32 -21.87 30.64
N LEU B 614 17.13 -21.77 30.06
CA LEU B 614 16.00 -21.05 30.65
C LEU B 614 14.78 -21.97 30.72
N ILE B 615 14.14 -22.00 31.88
CA ILE B 615 12.94 -22.80 32.09
C ILE B 615 11.84 -21.87 32.59
N VAL B 616 10.67 -21.93 31.96
CA VAL B 616 9.55 -21.11 32.42
C VAL B 616 8.75 -22.03 33.36
N VAL B 617 8.50 -21.55 34.59
CA VAL B 617 7.74 -22.33 35.55
C VAL B 617 6.48 -21.61 35.96
N LYS B 618 5.40 -22.35 36.18
CA LYS B 618 4.18 -21.69 36.61
C LYS B 618 4.01 -21.79 38.11
MG MG C . -21.19 15.47 -12.70
MG MG D . -21.06 17.61 -15.88
N CYS E . -27.52 11.07 -21.77
CA CYS E . -26.27 10.49 -21.14
C CYS E . -25.67 11.52 -20.18
O CYS E . -26.06 12.71 -20.34
CB CYS E . -25.26 10.04 -22.23
SG CYS E . -24.29 11.13 -23.40
OXT CYS E . -24.84 11.16 -19.31
PB ADP F . -22.83 18.20 -13.23
O1B ADP F . -24.16 18.68 -12.81
O2B ADP F . -22.33 17.09 -12.40
O3B ADP F . -22.79 17.91 -14.75
PA ADP F . -20.93 20.20 -14.01
O1A ADP F . -19.80 20.77 -13.23
O2A ADP F . -20.57 19.40 -15.20
O3A ADP F . -21.84 19.40 -12.98
O5' ADP F . -21.89 21.43 -14.31
C5' ADP F . -23.02 21.26 -15.23
C4' ADP F . -22.93 22.21 -16.41
O4' ADP F . -22.93 23.55 -15.85
C3' ADP F . -21.62 22.18 -17.20
O3' ADP F . -21.71 21.13 -18.17
C2' ADP F . -21.58 23.59 -17.75
O2' ADP F . -22.49 23.74 -18.89
C1' ADP F . -22.10 24.44 -16.62
N9 ADP F . -20.99 24.93 -15.71
C8 ADP F . -20.44 24.29 -14.66
N7 ADP F . -19.50 24.99 -14.05
C5 ADP F . -19.44 26.14 -14.74
C6 ADP F . -18.60 27.31 -14.56
N6 ADP F . -17.70 27.48 -13.65
N1 ADP F . -18.85 28.31 -15.49
C2 ADP F . -19.80 28.21 -16.50
N3 ADP F . -20.58 27.13 -16.67
C4 ADP F . -20.36 26.13 -15.79
MG MG G . 22.27 -5.41 18.15
MG MG H . 22.49 -6.75 21.50
N CYS I . 26.17 -16.41 17.48
CA CYS I . 24.95 -16.07 18.33
C CYS I . 25.23 -14.66 18.85
O CYS I . 26.27 -14.59 19.54
CB CYS I . 24.90 -17.06 19.48
SG CYS I . 23.44 -17.09 20.54
OXT CYS I . 24.46 -13.67 18.64
PB ADP J . 24.47 -4.54 20.21
O1B ADP J . 25.90 -4.17 20.18
O2B ADP J . 23.87 -4.48 18.86
O3B ADP J . 24.23 -5.88 20.92
PA ADP J . 22.90 -3.59 22.45
O1A ADP J . 21.92 -2.43 22.52
O2A ADP J . 22.26 -4.93 22.61
O3A ADP J . 23.73 -3.43 21.11
O5' ADP J . 23.99 -3.23 23.58
C5' ADP J . 25.09 -4.17 23.88
C4' ADP J . 25.10 -4.62 25.33
O4' ADP J . 25.46 -3.44 26.09
C3' ADP J . 23.74 -5.04 25.94
O3' ADP J . 23.50 -6.42 25.67
C2' ADP J . 23.92 -4.65 27.40
O2' ADP J . 24.68 -5.68 28.11
C1' ADP J . 24.74 -3.36 27.34
N9 ADP J . 23.84 -2.16 27.29
C8 ADP J . 23.27 -1.60 26.18
N7 ADP J . 22.52 -0.54 26.45
C5 ADP J . 22.62 -0.42 27.79
C6 ADP J . 22.02 0.54 28.68
N6 ADP J . 21.25 1.51 28.34
N1 ADP J . 22.35 0.34 30.00
C2 ADP J . 23.18 -0.68 30.44
N3 ADP J . 23.73 -1.57 29.63
C4 ADP J . 23.44 -1.40 28.33
#